data_1HPT
# 
_entry.id   1HPT 
# 
_audit_conform.dict_name       mmcif_pdbx.dic 
_audit_conform.dict_version    5.397 
_audit_conform.dict_location   http://mmcif.pdb.org/dictionaries/ascii/mmcif_pdbx.dic 
# 
loop_
_database_2.database_id 
_database_2.database_code 
_database_2.pdbx_database_accession 
_database_2.pdbx_DOI 
PDB   1HPT         pdb_00001hpt 10.2210/pdb1hpt/pdb 
WWPDB D_1000173962 ?            ?                   
# 
loop_
_pdbx_audit_revision_history.ordinal 
_pdbx_audit_revision_history.data_content_type 
_pdbx_audit_revision_history.major_revision 
_pdbx_audit_revision_history.minor_revision 
_pdbx_audit_revision_history.revision_date 
1 'Structure model' 1 0 1993-10-31 
2 'Structure model' 1 1 2008-03-24 
3 'Structure model' 1 2 2011-07-13 
4 'Structure model' 1 3 2024-06-05 
5 'Structure model' 1 4 2024-10-16 
# 
_pdbx_audit_revision_details.ordinal             1 
_pdbx_audit_revision_details.revision_ordinal    1 
_pdbx_audit_revision_details.data_content_type   'Structure model' 
_pdbx_audit_revision_details.provider            repository 
_pdbx_audit_revision_details.type                'Initial release' 
_pdbx_audit_revision_details.description         ? 
_pdbx_audit_revision_details.details             ? 
# 
loop_
_pdbx_audit_revision_group.ordinal 
_pdbx_audit_revision_group.revision_ordinal 
_pdbx_audit_revision_group.data_content_type 
_pdbx_audit_revision_group.group 
1 2 'Structure model' 'Version format compliance' 
2 3 'Structure model' 'Version format compliance' 
3 4 'Structure model' 'Data collection'           
4 4 'Structure model' 'Database references'       
5 4 'Structure model' Other                       
6 5 'Structure model' 'Structure summary'         
# 
loop_
_pdbx_audit_revision_category.ordinal 
_pdbx_audit_revision_category.revision_ordinal 
_pdbx_audit_revision_category.data_content_type 
_pdbx_audit_revision_category.category 
1 4 'Structure model' chem_comp_atom            
2 4 'Structure model' chem_comp_bond            
3 4 'Structure model' database_2                
4 4 'Structure model' pdbx_database_status      
5 4 'Structure model' struct_ref_seq_dif        
6 5 'Structure model' pdbx_entry_details        
7 5 'Structure model' pdbx_modification_feature 
# 
loop_
_pdbx_audit_revision_item.ordinal 
_pdbx_audit_revision_item.revision_ordinal 
_pdbx_audit_revision_item.data_content_type 
_pdbx_audit_revision_item.item 
1 4 'Structure model' '_database_2.pdbx_DOI'                
2 4 'Structure model' '_database_2.pdbx_database_accession' 
3 4 'Structure model' '_pdbx_database_status.process_site'  
4 4 'Structure model' '_struct_ref_seq_dif.details'         
# 
_pdbx_database_status.status_code                     REL 
_pdbx_database_status.entry_id                        1HPT 
_pdbx_database_status.recvd_initial_deposition_date   1992-03-27 
_pdbx_database_status.deposit_site                    ? 
_pdbx_database_status.process_site                    BNL 
_pdbx_database_status.status_code_sf                  REL 
_pdbx_database_status.status_code_mr                  ? 
_pdbx_database_status.SG_entry                        ? 
_pdbx_database_status.pdb_format_compatible           Y 
_pdbx_database_status.status_code_cs                  ? 
_pdbx_database_status.status_code_nmr_data            ? 
_pdbx_database_status.methods_development_category    ? 
# 
loop_
_audit_author.name 
_audit_author.pdbx_ordinal 
'Hecht, H.J.'     1 
'Szardenings, M.' 2 
'Collins, J.'     3 
'Schomburg, D.'   4 
# 
_citation.id                        primary 
_citation.title                     
'Three-dimensional structure of a recombinant variant of human pancreatic secretory trypsin inhibitor (Kazal type).' 
_citation.journal_abbrev            J.Mol.Biol. 
_citation.journal_volume            225 
_citation.page_first                1095 
_citation.page_last                 1103 
_citation.year                      1992 
_citation.journal_id_ASTM           JMOBAK 
_citation.country                   UK 
_citation.journal_id_ISSN           0022-2836 
_citation.journal_id_CSD            0070 
_citation.book_publisher            ? 
_citation.pdbx_database_id_PubMed   1613792 
_citation.pdbx_database_id_DOI      '10.1016/0022-2836(92)90107-U' 
# 
loop_
_citation_author.citation_id 
_citation_author.name 
_citation_author.ordinal 
_citation_author.identifier_ORCID 
primary 'Hecht, H.J.'     1 ? 
primary 'Szardenings, M.' 2 ? 
primary 'Collins, J.'     3 ? 
primary 'Schomburg, D.'   4 ? 
# 
loop_
_entity.id 
_entity.type 
_entity.src_method 
_entity.pdbx_description 
_entity.formula_weight 
_entity.pdbx_number_of_molecules 
_entity.pdbx_ec 
_entity.pdbx_mutation 
_entity.pdbx_fragment 
_entity.details 
1 polymer man 'PANCREATIC SECRETORY TRYPSIN INHIBITOR (KAZAL TYPE) VARIANT 3' 6347.094 1  ? ? ? ? 
2 water   nat water                                                           18.015   31 ? ? ? ? 
# 
_entity_poly.entity_id                      1 
_entity_poly.type                           'polypeptide(L)' 
_entity_poly.nstd_linkage                   no 
_entity_poly.nstd_monomer                   no 
_entity_poly.pdbx_seq_one_letter_code       DSLGREAKCYNELNGCTYEYRPVCGTDGDTYPNECVLCFENRKRQTSILIQKSGPC 
_entity_poly.pdbx_seq_one_letter_code_can   DSLGREAKCYNELNGCTYEYRPVCGTDGDTYPNECVLCFENRKRQTSILIQKSGPC 
_entity_poly.pdbx_strand_id                 A 
_entity_poly.pdbx_target_identifier         ? 
# 
_pdbx_entity_nonpoly.entity_id   2 
_pdbx_entity_nonpoly.name        water 
_pdbx_entity_nonpoly.comp_id     HOH 
# 
loop_
_entity_poly_seq.entity_id 
_entity_poly_seq.num 
_entity_poly_seq.mon_id 
_entity_poly_seq.hetero 
1 1  ASP n 
1 2  SER n 
1 3  LEU n 
1 4  GLY n 
1 5  ARG n 
1 6  GLU n 
1 7  ALA n 
1 8  LYS n 
1 9  CYS n 
1 10 TYR n 
1 11 ASN n 
1 12 GLU n 
1 13 LEU n 
1 14 ASN n 
1 15 GLY n 
1 16 CYS n 
1 17 THR n 
1 18 TYR n 
1 19 GLU n 
1 20 TYR n 
1 21 ARG n 
1 22 PRO n 
1 23 VAL n 
1 24 CYS n 
1 25 GLY n 
1 26 THR n 
1 27 ASP n 
1 28 GLY n 
1 29 ASP n 
1 30 THR n 
1 31 TYR n 
1 32 PRO n 
1 33 ASN n 
1 34 GLU n 
1 35 CYS n 
1 36 VAL n 
1 37 LEU n 
1 38 CYS n 
1 39 PHE n 
1 40 GLU n 
1 41 ASN n 
1 42 ARG n 
1 43 LYS n 
1 44 ARG n 
1 45 GLN n 
1 46 THR n 
1 47 SER n 
1 48 ILE n 
1 49 LEU n 
1 50 ILE n 
1 51 GLN n 
1 52 LYS n 
1 53 SER n 
1 54 GLY n 
1 55 PRO n 
1 56 CYS n 
# 
_entity_src_gen.entity_id                          1 
_entity_src_gen.pdbx_src_id                        1 
_entity_src_gen.pdbx_alt_source_flag               sample 
_entity_src_gen.pdbx_seq_type                      ? 
_entity_src_gen.pdbx_beg_seq_num                   ? 
_entity_src_gen.pdbx_end_seq_num                   ? 
_entity_src_gen.gene_src_common_name               human 
_entity_src_gen.gene_src_genus                     Homo 
_entity_src_gen.pdbx_gene_src_gene                 ? 
_entity_src_gen.gene_src_species                   ? 
_entity_src_gen.gene_src_strain                    ? 
_entity_src_gen.gene_src_tissue                    ? 
_entity_src_gen.gene_src_tissue_fraction           ? 
_entity_src_gen.gene_src_details                   ? 
_entity_src_gen.pdbx_gene_src_fragment             ? 
_entity_src_gen.pdbx_gene_src_scientific_name      'Homo sapiens' 
_entity_src_gen.pdbx_gene_src_ncbi_taxonomy_id     9606 
_entity_src_gen.pdbx_gene_src_variant              ? 
_entity_src_gen.pdbx_gene_src_cell_line            ? 
_entity_src_gen.pdbx_gene_src_atcc                 ? 
_entity_src_gen.pdbx_gene_src_organ                ? 
_entity_src_gen.pdbx_gene_src_organelle            ? 
_entity_src_gen.pdbx_gene_src_cell                 ? 
_entity_src_gen.pdbx_gene_src_cellular_location    ? 
_entity_src_gen.host_org_common_name               ? 
_entity_src_gen.pdbx_host_org_scientific_name      ? 
_entity_src_gen.pdbx_host_org_ncbi_taxonomy_id     ? 
_entity_src_gen.host_org_genus                     ? 
_entity_src_gen.pdbx_host_org_gene                 ? 
_entity_src_gen.pdbx_host_org_organ                ? 
_entity_src_gen.host_org_species                   ? 
_entity_src_gen.pdbx_host_org_tissue               ? 
_entity_src_gen.pdbx_host_org_tissue_fraction      ? 
_entity_src_gen.pdbx_host_org_strain               ? 
_entity_src_gen.pdbx_host_org_variant              ? 
_entity_src_gen.pdbx_host_org_cell_line            ? 
_entity_src_gen.pdbx_host_org_atcc                 ? 
_entity_src_gen.pdbx_host_org_culture_collection   ? 
_entity_src_gen.pdbx_host_org_cell                 ? 
_entity_src_gen.pdbx_host_org_organelle            ? 
_entity_src_gen.pdbx_host_org_cellular_location    ? 
_entity_src_gen.pdbx_host_org_vector_type          ? 
_entity_src_gen.pdbx_host_org_vector               ? 
_entity_src_gen.host_org_details                   ? 
_entity_src_gen.expression_system_id               ? 
_entity_src_gen.plasmid_name                       ? 
_entity_src_gen.plasmid_details                    ? 
_entity_src_gen.pdbx_description                   ? 
# 
loop_
_chem_comp.id 
_chem_comp.type 
_chem_comp.mon_nstd_flag 
_chem_comp.name 
_chem_comp.pdbx_synonyms 
_chem_comp.formula 
_chem_comp.formula_weight 
ALA 'L-peptide linking' y ALANINE         ? 'C3 H7 N O2'     89.093  
ARG 'L-peptide linking' y ARGININE        ? 'C6 H15 N4 O2 1' 175.209 
ASN 'L-peptide linking' y ASPARAGINE      ? 'C4 H8 N2 O3'    132.118 
ASP 'L-peptide linking' y 'ASPARTIC ACID' ? 'C4 H7 N O4'     133.103 
CYS 'L-peptide linking' y CYSTEINE        ? 'C3 H7 N O2 S'   121.158 
GLN 'L-peptide linking' y GLUTAMINE       ? 'C5 H10 N2 O3'   146.144 
GLU 'L-peptide linking' y 'GLUTAMIC ACID' ? 'C5 H9 N O4'     147.129 
GLY 'peptide linking'   y GLYCINE         ? 'C2 H5 N O2'     75.067  
HOH non-polymer         . WATER           ? 'H2 O'           18.015  
ILE 'L-peptide linking' y ISOLEUCINE      ? 'C6 H13 N O2'    131.173 
LEU 'L-peptide linking' y LEUCINE         ? 'C6 H13 N O2'    131.173 
LYS 'L-peptide linking' y LYSINE          ? 'C6 H15 N2 O2 1' 147.195 
PHE 'L-peptide linking' y PHENYLALANINE   ? 'C9 H11 N O2'    165.189 
PRO 'L-peptide linking' y PROLINE         ? 'C5 H9 N O2'     115.130 
SER 'L-peptide linking' y SERINE          ? 'C3 H7 N O3'     105.093 
THR 'L-peptide linking' y THREONINE       ? 'C4 H9 N O3'     119.119 
TYR 'L-peptide linking' y TYROSINE        ? 'C9 H11 N O3'    181.189 
VAL 'L-peptide linking' y VALINE          ? 'C5 H11 N O2'    117.146 
# 
loop_
_pdbx_poly_seq_scheme.asym_id 
_pdbx_poly_seq_scheme.entity_id 
_pdbx_poly_seq_scheme.seq_id 
_pdbx_poly_seq_scheme.mon_id 
_pdbx_poly_seq_scheme.ndb_seq_num 
_pdbx_poly_seq_scheme.pdb_seq_num 
_pdbx_poly_seq_scheme.auth_seq_num 
_pdbx_poly_seq_scheme.pdb_mon_id 
_pdbx_poly_seq_scheme.auth_mon_id 
_pdbx_poly_seq_scheme.pdb_strand_id 
_pdbx_poly_seq_scheme.pdb_ins_code 
_pdbx_poly_seq_scheme.hetero 
A 1 1  ASP 1  1  1  ASP ASP A . n 
A 1 2  SER 2  2  2  SER SER A . n 
A 1 3  LEU 3  3  3  LEU LEU A . n 
A 1 4  GLY 4  4  4  GLY GLY A . n 
A 1 5  ARG 5  5  5  ARG ARG A . n 
A 1 6  GLU 6  6  6  GLU GLU A . n 
A 1 7  ALA 7  7  7  ALA ALA A . n 
A 1 8  LYS 8  8  8  LYS LYS A . n 
A 1 9  CYS 9  9  9  CYS CYS A . n 
A 1 10 TYR 10 10 10 TYR TYR A . n 
A 1 11 ASN 11 11 11 ASN ASN A . n 
A 1 12 GLU 12 12 12 GLU GLU A . n 
A 1 13 LEU 13 13 13 LEU LEU A . n 
A 1 14 ASN 14 14 14 ASN ASN A . n 
A 1 15 GLY 15 15 15 GLY GLY A . n 
A 1 16 CYS 16 16 16 CYS CYS A . n 
A 1 17 THR 17 17 17 THR THR A . n 
A 1 18 TYR 18 18 18 TYR TYR A . n 
A 1 19 GLU 19 19 19 GLU GLU A . n 
A 1 20 TYR 20 20 20 TYR TYR A . n 
A 1 21 ARG 21 21 21 ARG ARG A . n 
A 1 22 PRO 22 22 22 PRO PRO A . n 
A 1 23 VAL 23 23 23 VAL VAL A . n 
A 1 24 CYS 24 24 24 CYS CYS A . n 
A 1 25 GLY 25 25 25 GLY GLY A . n 
A 1 26 THR 26 26 26 THR THR A . n 
A 1 27 ASP 27 27 27 ASP ASP A . n 
A 1 28 GLY 28 28 28 GLY GLY A . n 
A 1 29 ASP 29 29 29 ASP ASP A . n 
A 1 30 THR 30 30 30 THR THR A . n 
A 1 31 TYR 31 31 31 TYR TYR A . n 
A 1 32 PRO 32 32 32 PRO PRO A . n 
A 1 33 ASN 33 33 33 ASN ASN A . n 
A 1 34 GLU 34 34 34 GLU GLU A . n 
A 1 35 CYS 35 35 35 CYS CYS A . n 
A 1 36 VAL 36 36 36 VAL VAL A . n 
A 1 37 LEU 37 37 37 LEU LEU A . n 
A 1 38 CYS 38 38 38 CYS CYS A . n 
A 1 39 PHE 39 39 39 PHE PHE A . n 
A 1 40 GLU 40 40 40 GLU GLU A . n 
A 1 41 ASN 41 41 41 ASN ASN A . n 
A 1 42 ARG 42 42 42 ARG ARG A . n 
A 1 43 LYS 43 43 43 LYS LYS A . n 
A 1 44 ARG 44 44 44 ARG ARG A . n 
A 1 45 GLN 45 45 45 GLN GLN A . n 
A 1 46 THR 46 46 46 THR THR A . n 
A 1 47 SER 47 47 47 SER SER A . n 
A 1 48 ILE 48 48 48 ILE ILE A . n 
A 1 49 LEU 49 49 49 LEU LEU A . n 
A 1 50 ILE 50 50 50 ILE ILE A . n 
A 1 51 GLN 51 51 51 GLN GLN A . n 
A 1 52 LYS 52 52 52 LYS LYS A . n 
A 1 53 SER 53 53 53 SER SER A . n 
A 1 54 GLY 54 54 54 GLY GLY A . n 
A 1 55 PRO 55 55 55 PRO PRO A . n 
A 1 56 CYS 56 56 56 CYS CYS A . n 
# 
loop_
_pdbx_nonpoly_scheme.asym_id 
_pdbx_nonpoly_scheme.entity_id 
_pdbx_nonpoly_scheme.mon_id 
_pdbx_nonpoly_scheme.ndb_seq_num 
_pdbx_nonpoly_scheme.pdb_seq_num 
_pdbx_nonpoly_scheme.auth_seq_num 
_pdbx_nonpoly_scheme.pdb_mon_id 
_pdbx_nonpoly_scheme.auth_mon_id 
_pdbx_nonpoly_scheme.pdb_strand_id 
_pdbx_nonpoly_scheme.pdb_ins_code 
B 2 HOH 1  60 60 HOH HOH A . 
B 2 HOH 2  61 61 HOH HOH A . 
B 2 HOH 3  62 62 HOH HOH A . 
B 2 HOH 4  64 64 HOH HOH A . 
B 2 HOH 5  65 65 HOH HOH A . 
B 2 HOH 6  66 66 HOH HOH A . 
B 2 HOH 7  67 67 HOH HOH A . 
B 2 HOH 8  68 68 HOH HOH A . 
B 2 HOH 9  69 69 HOH HOH A . 
B 2 HOH 10 70 70 HOH HOH A . 
B 2 HOH 11 71 71 HOH HOH A . 
B 2 HOH 12 72 72 HOH HOH A . 
B 2 HOH 13 73 73 HOH HOH A . 
B 2 HOH 14 74 74 HOH HOH A . 
B 2 HOH 15 75 75 HOH HOH A . 
B 2 HOH 16 76 76 HOH HOH A . 
B 2 HOH 17 77 77 HOH HOH A . 
B 2 HOH 18 78 78 HOH HOH A . 
B 2 HOH 19 80 80 HOH HOH A . 
B 2 HOH 20 81 81 HOH HOH A . 
B 2 HOH 21 82 82 HOH HOH A . 
B 2 HOH 22 83 83 HOH HOH A . 
B 2 HOH 23 84 84 HOH HOH A . 
B 2 HOH 24 85 85 HOH HOH A . 
B 2 HOH 25 86 86 HOH HOH A . 
B 2 HOH 26 87 87 HOH HOH A . 
B 2 HOH 27 88 88 HOH HOH A . 
B 2 HOH 28 89 89 HOH HOH A . 
B 2 HOH 29 90 90 HOH HOH A . 
B 2 HOH 30 91 91 HOH HOH A . 
B 2 HOH 31 97 97 HOH HOH A . 
# 
loop_
_software.name 
_software.classification 
_software.version 
_software.citation_id 
_software.pdbx_ordinal 
X-PLOR 'model building' . ? 1 
X-PLOR refinement       . ? 2 
X-PLOR phasing          . ? 3 
# 
_cell.entry_id           1HPT 
_cell.length_a           40.150 
_cell.length_b           40.150 
_cell.length_c           33.910 
_cell.angle_alpha        90.00 
_cell.angle_beta         90.00 
_cell.angle_gamma        90.00 
_cell.Z_PDB              4 
_cell.pdbx_unique_axis   ? 
# 
_symmetry.entry_id                         1HPT 
_symmetry.space_group_name_H-M             'P 43' 
_symmetry.pdbx_full_space_group_name_H-M   ? 
_symmetry.cell_setting                     ? 
_symmetry.Int_Tables_number                78 
# 
_exptl.entry_id          1HPT 
_exptl.method            'X-RAY DIFFRACTION' 
_exptl.crystals_number   ? 
# 
_exptl_crystal.id                    1 
_exptl_crystal.density_meas          ? 
_exptl_crystal.density_Matthews      2.15 
_exptl_crystal.density_percent_sol   42.85 
_exptl_crystal.description           ? 
# 
_diffrn.id                     1 
_diffrn.ambient_temp           ? 
_diffrn.ambient_temp_details   ? 
_diffrn.crystal_id             1 
# 
_diffrn_radiation.diffrn_id                        1 
_diffrn_radiation.wavelength_id                    1 
_diffrn_radiation.pdbx_monochromatic_or_laue_m_l   ? 
_diffrn_radiation.monochromator                    ? 
_diffrn_radiation.pdbx_diffrn_protocol             ? 
_diffrn_radiation.pdbx_scattering_type             x-ray 
# 
_diffrn_radiation_wavelength.id           1 
_diffrn_radiation_wavelength.wavelength   . 
_diffrn_radiation_wavelength.wt           1.0 
# 
_refine.entry_id                                 1HPT 
_refine.ls_number_reflns_obs                     ? 
_refine.ls_number_reflns_all                     ? 
_refine.pdbx_ls_sigma_I                          ? 
_refine.pdbx_ls_sigma_F                          2.0 
_refine.pdbx_data_cutoff_high_absF               ? 
_refine.pdbx_data_cutoff_low_absF                ? 
_refine.pdbx_data_cutoff_high_rms_absF           ? 
_refine.ls_d_res_low                             8.0 
_refine.ls_d_res_high                            2.3 
_refine.ls_percent_reflns_obs                    ? 
_refine.ls_R_factor_obs                          0.191 
_refine.ls_R_factor_all                          ? 
_refine.ls_R_factor_R_work                       0.191 
_refine.ls_R_factor_R_free                       ? 
_refine.ls_R_factor_R_free_error                 ? 
_refine.ls_R_factor_R_free_error_details         ? 
_refine.ls_percent_reflns_R_free                 ? 
_refine.ls_number_reflns_R_free                  ? 
_refine.ls_number_parameters                     ? 
_refine.ls_number_restraints                     ? 
_refine.occupancy_min                            ? 
_refine.occupancy_max                            ? 
_refine.B_iso_mean                               ? 
_refine.aniso_B[1][1]                            ? 
_refine.aniso_B[2][2]                            ? 
_refine.aniso_B[3][3]                            ? 
_refine.aniso_B[1][2]                            ? 
_refine.aniso_B[1][3]                            ? 
_refine.aniso_B[2][3]                            ? 
_refine.solvent_model_details                    ? 
_refine.solvent_model_param_ksol                 ? 
_refine.solvent_model_param_bsol                 ? 
_refine.pdbx_ls_cross_valid_method               ? 
_refine.details                                  ? 
_refine.pdbx_starting_model                      ? 
_refine.pdbx_method_to_determine_struct          ? 
_refine.pdbx_isotropic_thermal_model             ? 
_refine.pdbx_stereochemistry_target_values       ? 
_refine.pdbx_stereochem_target_val_spec_case     ? 
_refine.pdbx_R_Free_selection_details            ? 
_refine.pdbx_overall_ESU_R                       ? 
_refine.pdbx_overall_ESU_R_Free                  ? 
_refine.overall_SU_ML                            ? 
_refine.overall_SU_B                             ? 
_refine.pdbx_refine_id                           'X-RAY DIFFRACTION' 
_refine.pdbx_diffrn_id                           1 
_refine.pdbx_TLS_residual_ADP_flag               ? 
_refine.correlation_coeff_Fo_to_Fc               ? 
_refine.correlation_coeff_Fo_to_Fc_free          ? 
_refine.pdbx_solvent_vdw_probe_radii             ? 
_refine.pdbx_solvent_ion_probe_radii             ? 
_refine.pdbx_solvent_shrinkage_radii             ? 
_refine.pdbx_overall_phase_error                 ? 
_refine.overall_SU_R_Cruickshank_DPI             ? 
_refine.pdbx_overall_SU_R_free_Cruickshank_DPI   ? 
_refine.pdbx_overall_SU_R_Blow_DPI               ? 
_refine.pdbx_overall_SU_R_free_Blow_DPI          ? 
# 
_refine_hist.pdbx_refine_id                   'X-RAY DIFFRACTION' 
_refine_hist.cycle_id                         LAST 
_refine_hist.pdbx_number_atoms_protein        440 
_refine_hist.pdbx_number_atoms_nucleic_acid   0 
_refine_hist.pdbx_number_atoms_ligand         0 
_refine_hist.number_atoms_solvent             31 
_refine_hist.number_atoms_total               471 
_refine_hist.d_res_high                       2.3 
_refine_hist.d_res_low                        8.0 
# 
loop_
_refine_ls_restr.type 
_refine_ls_restr.dev_ideal 
_refine_ls_restr.dev_ideal_target 
_refine_ls_restr.weight 
_refine_ls_restr.number 
_refine_ls_restr.pdbx_refine_id 
_refine_ls_restr.pdbx_restraint_function 
x_bond_d                0.011 ? ? ? 'X-RAY DIFFRACTION' ? 
x_bond_d_na             ?     ? ? ? 'X-RAY DIFFRACTION' ? 
x_bond_d_prot           ?     ? ? ? 'X-RAY DIFFRACTION' ? 
x_angle_d               ?     ? ? ? 'X-RAY DIFFRACTION' ? 
x_angle_d_na            ?     ? ? ? 'X-RAY DIFFRACTION' ? 
x_angle_d_prot          ?     ? ? ? 'X-RAY DIFFRACTION' ? 
x_angle_deg             2.70  ? ? ? 'X-RAY DIFFRACTION' ? 
x_angle_deg_na          ?     ? ? ? 'X-RAY DIFFRACTION' ? 
x_angle_deg_prot        ?     ? ? ? 'X-RAY DIFFRACTION' ? 
x_dihedral_angle_d      ?     ? ? ? 'X-RAY DIFFRACTION' ? 
x_dihedral_angle_d_na   ?     ? ? ? 'X-RAY DIFFRACTION' ? 
x_dihedral_angle_d_prot ?     ? ? ? 'X-RAY DIFFRACTION' ? 
x_improper_angle_d      ?     ? ? ? 'X-RAY DIFFRACTION' ? 
x_improper_angle_d_na   ?     ? ? ? 'X-RAY DIFFRACTION' ? 
x_improper_angle_d_prot ?     ? ? ? 'X-RAY DIFFRACTION' ? 
x_mcbond_it             ?     ? ? ? 'X-RAY DIFFRACTION' ? 
x_mcangle_it            ?     ? ? ? 'X-RAY DIFFRACTION' ? 
x_scbond_it             ?     ? ? ? 'X-RAY DIFFRACTION' ? 
x_scangle_it            ?     ? ? ? 'X-RAY DIFFRACTION' ? 
# 
_struct.entry_id                  1HPT 
_struct.title                     
'THREE-DIMENSIONAL STRUCTURE OF A RECOMBINANT VARIANT OF HUMAN PANCREATIC SECRETORY TRYPSIN INHIBITOR (KAZAL TYPE)' 
_struct.pdbx_model_details        ? 
_struct.pdbx_CASP_flag            ? 
_struct.pdbx_model_type_details   ? 
# 
_struct_keywords.entry_id        1HPT 
_struct_keywords.pdbx_keywords   'SERINE PROTEASE INHIBITOR' 
_struct_keywords.text            'SERINE PROTEASE INHIBITOR' 
# 
loop_
_struct_asym.id 
_struct_asym.pdbx_blank_PDB_chainid_flag 
_struct_asym.pdbx_modified 
_struct_asym.entity_id 
_struct_asym.details 
A N N 1 ? 
B N N 2 ? 
# 
_struct_ref.id                         1 
_struct_ref.db_name                    UNP 
_struct_ref.db_code                    IPK1_HUMAN 
_struct_ref.entity_id                  1 
_struct_ref.pdbx_db_accession          P00995 
_struct_ref.pdbx_align_begin           1 
_struct_ref.pdbx_seq_one_letter_code   MKVTGIFLLSALALLSLSGNTGADSLGREAKCYNELNGCTKIYDPVCGTDGNTYPNECVLCFENRKRQTSILIQKSGPC 
_struct_ref.pdbx_db_isoform            ? 
# 
_struct_ref_seq.align_id                      1 
_struct_ref_seq.ref_id                        1 
_struct_ref_seq.pdbx_PDB_id_code              1HPT 
_struct_ref_seq.pdbx_strand_id                A 
_struct_ref_seq.seq_align_beg                 1 
_struct_ref_seq.pdbx_seq_align_beg_ins_code   ? 
_struct_ref_seq.seq_align_end                 56 
_struct_ref_seq.pdbx_seq_align_end_ins_code   ? 
_struct_ref_seq.pdbx_db_accession             P00995 
_struct_ref_seq.db_align_beg                  24 
_struct_ref_seq.pdbx_db_align_beg_ins_code    ? 
_struct_ref_seq.db_align_end                  79 
_struct_ref_seq.pdbx_db_align_end_ins_code    ? 
_struct_ref_seq.pdbx_auth_seq_align_beg       1 
_struct_ref_seq.pdbx_auth_seq_align_end       56 
# 
loop_
_struct_ref_seq_dif.align_id 
_struct_ref_seq_dif.pdbx_pdb_id_code 
_struct_ref_seq_dif.mon_id 
_struct_ref_seq_dif.pdbx_pdb_strand_id 
_struct_ref_seq_dif.seq_num 
_struct_ref_seq_dif.pdbx_pdb_ins_code 
_struct_ref_seq_dif.pdbx_seq_db_name 
_struct_ref_seq_dif.pdbx_seq_db_accession_code 
_struct_ref_seq_dif.db_mon_id 
_struct_ref_seq_dif.pdbx_seq_db_seq_num 
_struct_ref_seq_dif.details 
_struct_ref_seq_dif.pdbx_auth_seq_num 
_struct_ref_seq_dif.pdbx_ordinal 
1 1HPT TYR A 18 ? UNP P00995 LYS 41 conflict 18 1 
1 1HPT GLU A 19 ? UNP P00995 ILE 42 conflict 19 2 
1 1HPT ARG A 21 ? UNP P00995 ASP 44 conflict 21 3 
1 1HPT ASP A 29 ? UNP P00995 ASN 52 conflict 29 4 
# 
_pdbx_struct_assembly.id                   1 
_pdbx_struct_assembly.details              author_defined_assembly 
_pdbx_struct_assembly.method_details       ? 
_pdbx_struct_assembly.oligomeric_details   monomeric 
_pdbx_struct_assembly.oligomeric_count     1 
# 
_pdbx_struct_assembly_gen.assembly_id       1 
_pdbx_struct_assembly_gen.oper_expression   1 
_pdbx_struct_assembly_gen.asym_id_list      A,B 
# 
_pdbx_struct_oper_list.id                   1 
_pdbx_struct_oper_list.type                 'identity operation' 
_pdbx_struct_oper_list.name                 1_555 
_pdbx_struct_oper_list.symmetry_operation   x,y,z 
_pdbx_struct_oper_list.matrix[1][1]         1.0000000000 
_pdbx_struct_oper_list.matrix[1][2]         0.0000000000 
_pdbx_struct_oper_list.matrix[1][3]         0.0000000000 
_pdbx_struct_oper_list.vector[1]            0.0000000000 
_pdbx_struct_oper_list.matrix[2][1]         0.0000000000 
_pdbx_struct_oper_list.matrix[2][2]         1.0000000000 
_pdbx_struct_oper_list.matrix[2][3]         0.0000000000 
_pdbx_struct_oper_list.vector[2]            0.0000000000 
_pdbx_struct_oper_list.matrix[3][1]         0.0000000000 
_pdbx_struct_oper_list.matrix[3][2]         0.0000000000 
_pdbx_struct_oper_list.matrix[3][3]         1.0000000000 
_pdbx_struct_oper_list.vector[3]            0.0000000000 
# 
_struct_biol.id   1 
# 
_struct_conf.conf_type_id            HELX_P 
_struct_conf.id                      HELX_P1 
_struct_conf.pdbx_PDB_helix_id       H1 
_struct_conf.beg_label_comp_id       GLU 
_struct_conf.beg_label_asym_id       A 
_struct_conf.beg_label_seq_id        34 
_struct_conf.pdbx_beg_PDB_ins_code   ? 
_struct_conf.end_label_comp_id       ARG 
_struct_conf.end_label_asym_id       A 
_struct_conf.end_label_seq_id        44 
_struct_conf.pdbx_end_PDB_ins_code   ? 
_struct_conf.beg_auth_comp_id        GLU 
_struct_conf.beg_auth_asym_id        A 
_struct_conf.beg_auth_seq_id         34 
_struct_conf.end_auth_comp_id        ARG 
_struct_conf.end_auth_asym_id        A 
_struct_conf.end_auth_seq_id         44 
_struct_conf.pdbx_PDB_helix_class    1 
_struct_conf.details                 ? 
_struct_conf.pdbx_PDB_helix_length   11 
# 
_struct_conf_type.id          HELX_P 
_struct_conf_type.criteria    ? 
_struct_conf_type.reference   ? 
# 
loop_
_struct_conn.id 
_struct_conn.conn_type_id 
_struct_conn.pdbx_leaving_atom_flag 
_struct_conn.pdbx_PDB_id 
_struct_conn.ptnr1_label_asym_id 
_struct_conn.ptnr1_label_comp_id 
_struct_conn.ptnr1_label_seq_id 
_struct_conn.ptnr1_label_atom_id 
_struct_conn.pdbx_ptnr1_label_alt_id 
_struct_conn.pdbx_ptnr1_PDB_ins_code 
_struct_conn.pdbx_ptnr1_standard_comp_id 
_struct_conn.ptnr1_symmetry 
_struct_conn.ptnr2_label_asym_id 
_struct_conn.ptnr2_label_comp_id 
_struct_conn.ptnr2_label_seq_id 
_struct_conn.ptnr2_label_atom_id 
_struct_conn.pdbx_ptnr2_label_alt_id 
_struct_conn.pdbx_ptnr2_PDB_ins_code 
_struct_conn.ptnr1_auth_asym_id 
_struct_conn.ptnr1_auth_comp_id 
_struct_conn.ptnr1_auth_seq_id 
_struct_conn.ptnr2_auth_asym_id 
_struct_conn.ptnr2_auth_comp_id 
_struct_conn.ptnr2_auth_seq_id 
_struct_conn.ptnr2_symmetry 
_struct_conn.pdbx_ptnr3_label_atom_id 
_struct_conn.pdbx_ptnr3_label_seq_id 
_struct_conn.pdbx_ptnr3_label_comp_id 
_struct_conn.pdbx_ptnr3_label_asym_id 
_struct_conn.pdbx_ptnr3_label_alt_id 
_struct_conn.pdbx_ptnr3_PDB_ins_code 
_struct_conn.details 
_struct_conn.pdbx_dist_value 
_struct_conn.pdbx_value_order 
_struct_conn.pdbx_role 
disulf1 disulf ? ? A CYS 9  SG ? ? ? 1_555 A CYS 38 SG ? ? A CYS 9  A CYS 38 1_555 ? ? ? ? ? ? ? 2.008 ? ? 
disulf2 disulf ? ? A CYS 16 SG ? ? ? 1_555 A CYS 35 SG ? ? A CYS 16 A CYS 35 1_555 ? ? ? ? ? ? ? 2.440 ? ? 
disulf3 disulf ? ? A CYS 24 SG ? ? ? 1_555 A CYS 56 SG ? ? A CYS 24 A CYS 56 1_555 ? ? ? ? ? ? ? 2.441 ? ? 
# 
_struct_conn_type.id          disulf 
_struct_conn_type.criteria    ? 
_struct_conn_type.reference   ? 
# 
loop_
_pdbx_modification_feature.ordinal 
_pdbx_modification_feature.label_comp_id 
_pdbx_modification_feature.label_asym_id 
_pdbx_modification_feature.label_seq_id 
_pdbx_modification_feature.label_alt_id 
_pdbx_modification_feature.modified_residue_label_comp_id 
_pdbx_modification_feature.modified_residue_label_asym_id 
_pdbx_modification_feature.modified_residue_label_seq_id 
_pdbx_modification_feature.modified_residue_label_alt_id 
_pdbx_modification_feature.auth_comp_id 
_pdbx_modification_feature.auth_asym_id 
_pdbx_modification_feature.auth_seq_id 
_pdbx_modification_feature.PDB_ins_code 
_pdbx_modification_feature.symmetry 
_pdbx_modification_feature.modified_residue_auth_comp_id 
_pdbx_modification_feature.modified_residue_auth_asym_id 
_pdbx_modification_feature.modified_residue_auth_seq_id 
_pdbx_modification_feature.modified_residue_PDB_ins_code 
_pdbx_modification_feature.modified_residue_symmetry 
_pdbx_modification_feature.comp_id_linking_atom 
_pdbx_modification_feature.modified_residue_id_linking_atom 
_pdbx_modification_feature.modified_residue_id 
_pdbx_modification_feature.ref_pcm_id 
_pdbx_modification_feature.ref_comp_id 
_pdbx_modification_feature.type 
_pdbx_modification_feature.category 
1 CYS A 9  ? CYS A 38 ? CYS A 9  ? 1_555 CYS A 38 ? 1_555 SG SG . . . None 'Disulfide bridge' 
2 CYS A 16 ? CYS A 35 ? CYS A 16 ? 1_555 CYS A 35 ? 1_555 SG SG . . . None 'Disulfide bridge' 
3 CYS A 24 ? CYS A 56 ? CYS A 24 ? 1_555 CYS A 56 ? 1_555 SG SG . . . None 'Disulfide bridge' 
# 
_struct_sheet.id               AI 
_struct_sheet.type             ? 
_struct_sheet.number_strands   3 
_struct_sheet.details          ? 
# 
loop_
_struct_sheet_order.sheet_id 
_struct_sheet_order.range_id_1 
_struct_sheet_order.range_id_2 
_struct_sheet_order.offset 
_struct_sheet_order.sense 
AI 1 2 ? anti-parallel 
AI 2 3 ? anti-parallel 
# 
loop_
_struct_sheet_range.sheet_id 
_struct_sheet_range.id 
_struct_sheet_range.beg_label_comp_id 
_struct_sheet_range.beg_label_asym_id 
_struct_sheet_range.beg_label_seq_id 
_struct_sheet_range.pdbx_beg_PDB_ins_code 
_struct_sheet_range.end_label_comp_id 
_struct_sheet_range.end_label_asym_id 
_struct_sheet_range.end_label_seq_id 
_struct_sheet_range.pdbx_end_PDB_ins_code 
_struct_sheet_range.beg_auth_comp_id 
_struct_sheet_range.beg_auth_asym_id 
_struct_sheet_range.beg_auth_seq_id 
_struct_sheet_range.end_auth_comp_id 
_struct_sheet_range.end_auth_asym_id 
_struct_sheet_range.end_auth_seq_id 
AI 1 VAL A 23 ? GLY A 25 ? VAL A 23 GLY A 25 
AI 2 THR A 30 ? TYR A 31 ? THR A 30 TYR A 31 
AI 3 ILE A 50 ? SER A 53 ? ILE A 50 SER A 53 
# 
_pdbx_entry_details.entry_id                   1HPT 
_pdbx_entry_details.compound_details           ? 
_pdbx_entry_details.source_details             ? 
_pdbx_entry_details.nonpolymer_details         ? 
_pdbx_entry_details.sequence_details           ? 
_pdbx_entry_details.has_ligand_of_interest     ? 
_pdbx_entry_details.has_protein_modification   Y 
# 
_pdbx_validate_rmsd_angle.id                         1 
_pdbx_validate_rmsd_angle.PDB_model_num              1 
_pdbx_validate_rmsd_angle.auth_atom_id_1             NE 
_pdbx_validate_rmsd_angle.auth_asym_id_1             A 
_pdbx_validate_rmsd_angle.auth_comp_id_1             ARG 
_pdbx_validate_rmsd_angle.auth_seq_id_1              5 
_pdbx_validate_rmsd_angle.PDB_ins_code_1             ? 
_pdbx_validate_rmsd_angle.label_alt_id_1             ? 
_pdbx_validate_rmsd_angle.auth_atom_id_2             CZ 
_pdbx_validate_rmsd_angle.auth_asym_id_2             A 
_pdbx_validate_rmsd_angle.auth_comp_id_2             ARG 
_pdbx_validate_rmsd_angle.auth_seq_id_2              5 
_pdbx_validate_rmsd_angle.PDB_ins_code_2             ? 
_pdbx_validate_rmsd_angle.label_alt_id_2             ? 
_pdbx_validate_rmsd_angle.auth_atom_id_3             NH2 
_pdbx_validate_rmsd_angle.auth_asym_id_3             A 
_pdbx_validate_rmsd_angle.auth_comp_id_3             ARG 
_pdbx_validate_rmsd_angle.auth_seq_id_3              5 
_pdbx_validate_rmsd_angle.PDB_ins_code_3             ? 
_pdbx_validate_rmsd_angle.label_alt_id_3             ? 
_pdbx_validate_rmsd_angle.angle_value                117.26 
_pdbx_validate_rmsd_angle.angle_target_value         120.30 
_pdbx_validate_rmsd_angle.angle_deviation            -3.04 
_pdbx_validate_rmsd_angle.angle_standard_deviation   0.50 
_pdbx_validate_rmsd_angle.linker_flag                N 
# 
loop_
_pdbx_validate_torsion.id 
_pdbx_validate_torsion.PDB_model_num 
_pdbx_validate_torsion.auth_comp_id 
_pdbx_validate_torsion.auth_asym_id 
_pdbx_validate_torsion.auth_seq_id 
_pdbx_validate_torsion.PDB_ins_code 
_pdbx_validate_torsion.label_alt_id 
_pdbx_validate_torsion.phi 
_pdbx_validate_torsion.psi 
1 1 TYR A 18 ? ? -99.90  38.79 
2 1 SER A 47 ? ? -142.48 53.89 
# 
loop_
_chem_comp_atom.comp_id 
_chem_comp_atom.atom_id 
_chem_comp_atom.type_symbol 
_chem_comp_atom.pdbx_aromatic_flag 
_chem_comp_atom.pdbx_stereo_config 
_chem_comp_atom.pdbx_ordinal 
ALA N    N N N 1   
ALA CA   C N S 2   
ALA C    C N N 3   
ALA O    O N N 4   
ALA CB   C N N 5   
ALA OXT  O N N 6   
ALA H    H N N 7   
ALA H2   H N N 8   
ALA HA   H N N 9   
ALA HB1  H N N 10  
ALA HB2  H N N 11  
ALA HB3  H N N 12  
ALA HXT  H N N 13  
ARG N    N N N 14  
ARG CA   C N S 15  
ARG C    C N N 16  
ARG O    O N N 17  
ARG CB   C N N 18  
ARG CG   C N N 19  
ARG CD   C N N 20  
ARG NE   N N N 21  
ARG CZ   C N N 22  
ARG NH1  N N N 23  
ARG NH2  N N N 24  
ARG OXT  O N N 25  
ARG H    H N N 26  
ARG H2   H N N 27  
ARG HA   H N N 28  
ARG HB2  H N N 29  
ARG HB3  H N N 30  
ARG HG2  H N N 31  
ARG HG3  H N N 32  
ARG HD2  H N N 33  
ARG HD3  H N N 34  
ARG HE   H N N 35  
ARG HH11 H N N 36  
ARG HH12 H N N 37  
ARG HH21 H N N 38  
ARG HH22 H N N 39  
ARG HXT  H N N 40  
ASN N    N N N 41  
ASN CA   C N S 42  
ASN C    C N N 43  
ASN O    O N N 44  
ASN CB   C N N 45  
ASN CG   C N N 46  
ASN OD1  O N N 47  
ASN ND2  N N N 48  
ASN OXT  O N N 49  
ASN H    H N N 50  
ASN H2   H N N 51  
ASN HA   H N N 52  
ASN HB2  H N N 53  
ASN HB3  H N N 54  
ASN HD21 H N N 55  
ASN HD22 H N N 56  
ASN HXT  H N N 57  
ASP N    N N N 58  
ASP CA   C N S 59  
ASP C    C N N 60  
ASP O    O N N 61  
ASP CB   C N N 62  
ASP CG   C N N 63  
ASP OD1  O N N 64  
ASP OD2  O N N 65  
ASP OXT  O N N 66  
ASP H    H N N 67  
ASP H2   H N N 68  
ASP HA   H N N 69  
ASP HB2  H N N 70  
ASP HB3  H N N 71  
ASP HD2  H N N 72  
ASP HXT  H N N 73  
CYS N    N N N 74  
CYS CA   C N R 75  
CYS C    C N N 76  
CYS O    O N N 77  
CYS CB   C N N 78  
CYS SG   S N N 79  
CYS OXT  O N N 80  
CYS H    H N N 81  
CYS H2   H N N 82  
CYS HA   H N N 83  
CYS HB2  H N N 84  
CYS HB3  H N N 85  
CYS HG   H N N 86  
CYS HXT  H N N 87  
GLN N    N N N 88  
GLN CA   C N S 89  
GLN C    C N N 90  
GLN O    O N N 91  
GLN CB   C N N 92  
GLN CG   C N N 93  
GLN CD   C N N 94  
GLN OE1  O N N 95  
GLN NE2  N N N 96  
GLN OXT  O N N 97  
GLN H    H N N 98  
GLN H2   H N N 99  
GLN HA   H N N 100 
GLN HB2  H N N 101 
GLN HB3  H N N 102 
GLN HG2  H N N 103 
GLN HG3  H N N 104 
GLN HE21 H N N 105 
GLN HE22 H N N 106 
GLN HXT  H N N 107 
GLU N    N N N 108 
GLU CA   C N S 109 
GLU C    C N N 110 
GLU O    O N N 111 
GLU CB   C N N 112 
GLU CG   C N N 113 
GLU CD   C N N 114 
GLU OE1  O N N 115 
GLU OE2  O N N 116 
GLU OXT  O N N 117 
GLU H    H N N 118 
GLU H2   H N N 119 
GLU HA   H N N 120 
GLU HB2  H N N 121 
GLU HB3  H N N 122 
GLU HG2  H N N 123 
GLU HG3  H N N 124 
GLU HE2  H N N 125 
GLU HXT  H N N 126 
GLY N    N N N 127 
GLY CA   C N N 128 
GLY C    C N N 129 
GLY O    O N N 130 
GLY OXT  O N N 131 
GLY H    H N N 132 
GLY H2   H N N 133 
GLY HA2  H N N 134 
GLY HA3  H N N 135 
GLY HXT  H N N 136 
HOH O    O N N 137 
HOH H1   H N N 138 
HOH H2   H N N 139 
ILE N    N N N 140 
ILE CA   C N S 141 
ILE C    C N N 142 
ILE O    O N N 143 
ILE CB   C N S 144 
ILE CG1  C N N 145 
ILE CG2  C N N 146 
ILE CD1  C N N 147 
ILE OXT  O N N 148 
ILE H    H N N 149 
ILE H2   H N N 150 
ILE HA   H N N 151 
ILE HB   H N N 152 
ILE HG12 H N N 153 
ILE HG13 H N N 154 
ILE HG21 H N N 155 
ILE HG22 H N N 156 
ILE HG23 H N N 157 
ILE HD11 H N N 158 
ILE HD12 H N N 159 
ILE HD13 H N N 160 
ILE HXT  H N N 161 
LEU N    N N N 162 
LEU CA   C N S 163 
LEU C    C N N 164 
LEU O    O N N 165 
LEU CB   C N N 166 
LEU CG   C N N 167 
LEU CD1  C N N 168 
LEU CD2  C N N 169 
LEU OXT  O N N 170 
LEU H    H N N 171 
LEU H2   H N N 172 
LEU HA   H N N 173 
LEU HB2  H N N 174 
LEU HB3  H N N 175 
LEU HG   H N N 176 
LEU HD11 H N N 177 
LEU HD12 H N N 178 
LEU HD13 H N N 179 
LEU HD21 H N N 180 
LEU HD22 H N N 181 
LEU HD23 H N N 182 
LEU HXT  H N N 183 
LYS N    N N N 184 
LYS CA   C N S 185 
LYS C    C N N 186 
LYS O    O N N 187 
LYS CB   C N N 188 
LYS CG   C N N 189 
LYS CD   C N N 190 
LYS CE   C N N 191 
LYS NZ   N N N 192 
LYS OXT  O N N 193 
LYS H    H N N 194 
LYS H2   H N N 195 
LYS HA   H N N 196 
LYS HB2  H N N 197 
LYS HB3  H N N 198 
LYS HG2  H N N 199 
LYS HG3  H N N 200 
LYS HD2  H N N 201 
LYS HD3  H N N 202 
LYS HE2  H N N 203 
LYS HE3  H N N 204 
LYS HZ1  H N N 205 
LYS HZ2  H N N 206 
LYS HZ3  H N N 207 
LYS HXT  H N N 208 
PHE N    N N N 209 
PHE CA   C N S 210 
PHE C    C N N 211 
PHE O    O N N 212 
PHE CB   C N N 213 
PHE CG   C Y N 214 
PHE CD1  C Y N 215 
PHE CD2  C Y N 216 
PHE CE1  C Y N 217 
PHE CE2  C Y N 218 
PHE CZ   C Y N 219 
PHE OXT  O N N 220 
PHE H    H N N 221 
PHE H2   H N N 222 
PHE HA   H N N 223 
PHE HB2  H N N 224 
PHE HB3  H N N 225 
PHE HD1  H N N 226 
PHE HD2  H N N 227 
PHE HE1  H N N 228 
PHE HE2  H N N 229 
PHE HZ   H N N 230 
PHE HXT  H N N 231 
PRO N    N N N 232 
PRO CA   C N S 233 
PRO C    C N N 234 
PRO O    O N N 235 
PRO CB   C N N 236 
PRO CG   C N N 237 
PRO CD   C N N 238 
PRO OXT  O N N 239 
PRO H    H N N 240 
PRO HA   H N N 241 
PRO HB2  H N N 242 
PRO HB3  H N N 243 
PRO HG2  H N N 244 
PRO HG3  H N N 245 
PRO HD2  H N N 246 
PRO HD3  H N N 247 
PRO HXT  H N N 248 
SER N    N N N 249 
SER CA   C N S 250 
SER C    C N N 251 
SER O    O N N 252 
SER CB   C N N 253 
SER OG   O N N 254 
SER OXT  O N N 255 
SER H    H N N 256 
SER H2   H N N 257 
SER HA   H N N 258 
SER HB2  H N N 259 
SER HB3  H N N 260 
SER HG   H N N 261 
SER HXT  H N N 262 
THR N    N N N 263 
THR CA   C N S 264 
THR C    C N N 265 
THR O    O N N 266 
THR CB   C N R 267 
THR OG1  O N N 268 
THR CG2  C N N 269 
THR OXT  O N N 270 
THR H    H N N 271 
THR H2   H N N 272 
THR HA   H N N 273 
THR HB   H N N 274 
THR HG1  H N N 275 
THR HG21 H N N 276 
THR HG22 H N N 277 
THR HG23 H N N 278 
THR HXT  H N N 279 
TYR N    N N N 280 
TYR CA   C N S 281 
TYR C    C N N 282 
TYR O    O N N 283 
TYR CB   C N N 284 
TYR CG   C Y N 285 
TYR CD1  C Y N 286 
TYR CD2  C Y N 287 
TYR CE1  C Y N 288 
TYR CE2  C Y N 289 
TYR CZ   C Y N 290 
TYR OH   O N N 291 
TYR OXT  O N N 292 
TYR H    H N N 293 
TYR H2   H N N 294 
TYR HA   H N N 295 
TYR HB2  H N N 296 
TYR HB3  H N N 297 
TYR HD1  H N N 298 
TYR HD2  H N N 299 
TYR HE1  H N N 300 
TYR HE2  H N N 301 
TYR HH   H N N 302 
TYR HXT  H N N 303 
VAL N    N N N 304 
VAL CA   C N S 305 
VAL C    C N N 306 
VAL O    O N N 307 
VAL CB   C N N 308 
VAL CG1  C N N 309 
VAL CG2  C N N 310 
VAL OXT  O N N 311 
VAL H    H N N 312 
VAL H2   H N N 313 
VAL HA   H N N 314 
VAL HB   H N N 315 
VAL HG11 H N N 316 
VAL HG12 H N N 317 
VAL HG13 H N N 318 
VAL HG21 H N N 319 
VAL HG22 H N N 320 
VAL HG23 H N N 321 
VAL HXT  H N N 322 
# 
loop_
_chem_comp_bond.comp_id 
_chem_comp_bond.atom_id_1 
_chem_comp_bond.atom_id_2 
_chem_comp_bond.value_order 
_chem_comp_bond.pdbx_aromatic_flag 
_chem_comp_bond.pdbx_stereo_config 
_chem_comp_bond.pdbx_ordinal 
ALA N   CA   sing N N 1   
ALA N   H    sing N N 2   
ALA N   H2   sing N N 3   
ALA CA  C    sing N N 4   
ALA CA  CB   sing N N 5   
ALA CA  HA   sing N N 6   
ALA C   O    doub N N 7   
ALA C   OXT  sing N N 8   
ALA CB  HB1  sing N N 9   
ALA CB  HB2  sing N N 10  
ALA CB  HB3  sing N N 11  
ALA OXT HXT  sing N N 12  
ARG N   CA   sing N N 13  
ARG N   H    sing N N 14  
ARG N   H2   sing N N 15  
ARG CA  C    sing N N 16  
ARG CA  CB   sing N N 17  
ARG CA  HA   sing N N 18  
ARG C   O    doub N N 19  
ARG C   OXT  sing N N 20  
ARG CB  CG   sing N N 21  
ARG CB  HB2  sing N N 22  
ARG CB  HB3  sing N N 23  
ARG CG  CD   sing N N 24  
ARG CG  HG2  sing N N 25  
ARG CG  HG3  sing N N 26  
ARG CD  NE   sing N N 27  
ARG CD  HD2  sing N N 28  
ARG CD  HD3  sing N N 29  
ARG NE  CZ   sing N N 30  
ARG NE  HE   sing N N 31  
ARG CZ  NH1  sing N N 32  
ARG CZ  NH2  doub N N 33  
ARG NH1 HH11 sing N N 34  
ARG NH1 HH12 sing N N 35  
ARG NH2 HH21 sing N N 36  
ARG NH2 HH22 sing N N 37  
ARG OXT HXT  sing N N 38  
ASN N   CA   sing N N 39  
ASN N   H    sing N N 40  
ASN N   H2   sing N N 41  
ASN CA  C    sing N N 42  
ASN CA  CB   sing N N 43  
ASN CA  HA   sing N N 44  
ASN C   O    doub N N 45  
ASN C   OXT  sing N N 46  
ASN CB  CG   sing N N 47  
ASN CB  HB2  sing N N 48  
ASN CB  HB3  sing N N 49  
ASN CG  OD1  doub N N 50  
ASN CG  ND2  sing N N 51  
ASN ND2 HD21 sing N N 52  
ASN ND2 HD22 sing N N 53  
ASN OXT HXT  sing N N 54  
ASP N   CA   sing N N 55  
ASP N   H    sing N N 56  
ASP N   H2   sing N N 57  
ASP CA  C    sing N N 58  
ASP CA  CB   sing N N 59  
ASP CA  HA   sing N N 60  
ASP C   O    doub N N 61  
ASP C   OXT  sing N N 62  
ASP CB  CG   sing N N 63  
ASP CB  HB2  sing N N 64  
ASP CB  HB3  sing N N 65  
ASP CG  OD1  doub N N 66  
ASP CG  OD2  sing N N 67  
ASP OD2 HD2  sing N N 68  
ASP OXT HXT  sing N N 69  
CYS N   CA   sing N N 70  
CYS N   H    sing N N 71  
CYS N   H2   sing N N 72  
CYS CA  C    sing N N 73  
CYS CA  CB   sing N N 74  
CYS CA  HA   sing N N 75  
CYS C   O    doub N N 76  
CYS C   OXT  sing N N 77  
CYS CB  SG   sing N N 78  
CYS CB  HB2  sing N N 79  
CYS CB  HB3  sing N N 80  
CYS SG  HG   sing N N 81  
CYS OXT HXT  sing N N 82  
GLN N   CA   sing N N 83  
GLN N   H    sing N N 84  
GLN N   H2   sing N N 85  
GLN CA  C    sing N N 86  
GLN CA  CB   sing N N 87  
GLN CA  HA   sing N N 88  
GLN C   O    doub N N 89  
GLN C   OXT  sing N N 90  
GLN CB  CG   sing N N 91  
GLN CB  HB2  sing N N 92  
GLN CB  HB3  sing N N 93  
GLN CG  CD   sing N N 94  
GLN CG  HG2  sing N N 95  
GLN CG  HG3  sing N N 96  
GLN CD  OE1  doub N N 97  
GLN CD  NE2  sing N N 98  
GLN NE2 HE21 sing N N 99  
GLN NE2 HE22 sing N N 100 
GLN OXT HXT  sing N N 101 
GLU N   CA   sing N N 102 
GLU N   H    sing N N 103 
GLU N   H2   sing N N 104 
GLU CA  C    sing N N 105 
GLU CA  CB   sing N N 106 
GLU CA  HA   sing N N 107 
GLU C   O    doub N N 108 
GLU C   OXT  sing N N 109 
GLU CB  CG   sing N N 110 
GLU CB  HB2  sing N N 111 
GLU CB  HB3  sing N N 112 
GLU CG  CD   sing N N 113 
GLU CG  HG2  sing N N 114 
GLU CG  HG3  sing N N 115 
GLU CD  OE1  doub N N 116 
GLU CD  OE2  sing N N 117 
GLU OE2 HE2  sing N N 118 
GLU OXT HXT  sing N N 119 
GLY N   CA   sing N N 120 
GLY N   H    sing N N 121 
GLY N   H2   sing N N 122 
GLY CA  C    sing N N 123 
GLY CA  HA2  sing N N 124 
GLY CA  HA3  sing N N 125 
GLY C   O    doub N N 126 
GLY C   OXT  sing N N 127 
GLY OXT HXT  sing N N 128 
HOH O   H1   sing N N 129 
HOH O   H2   sing N N 130 
ILE N   CA   sing N N 131 
ILE N   H    sing N N 132 
ILE N   H2   sing N N 133 
ILE CA  C    sing N N 134 
ILE CA  CB   sing N N 135 
ILE CA  HA   sing N N 136 
ILE C   O    doub N N 137 
ILE C   OXT  sing N N 138 
ILE CB  CG1  sing N N 139 
ILE CB  CG2  sing N N 140 
ILE CB  HB   sing N N 141 
ILE CG1 CD1  sing N N 142 
ILE CG1 HG12 sing N N 143 
ILE CG1 HG13 sing N N 144 
ILE CG2 HG21 sing N N 145 
ILE CG2 HG22 sing N N 146 
ILE CG2 HG23 sing N N 147 
ILE CD1 HD11 sing N N 148 
ILE CD1 HD12 sing N N 149 
ILE CD1 HD13 sing N N 150 
ILE OXT HXT  sing N N 151 
LEU N   CA   sing N N 152 
LEU N   H    sing N N 153 
LEU N   H2   sing N N 154 
LEU CA  C    sing N N 155 
LEU CA  CB   sing N N 156 
LEU CA  HA   sing N N 157 
LEU C   O    doub N N 158 
LEU C   OXT  sing N N 159 
LEU CB  CG   sing N N 160 
LEU CB  HB2  sing N N 161 
LEU CB  HB3  sing N N 162 
LEU CG  CD1  sing N N 163 
LEU CG  CD2  sing N N 164 
LEU CG  HG   sing N N 165 
LEU CD1 HD11 sing N N 166 
LEU CD1 HD12 sing N N 167 
LEU CD1 HD13 sing N N 168 
LEU CD2 HD21 sing N N 169 
LEU CD2 HD22 sing N N 170 
LEU CD2 HD23 sing N N 171 
LEU OXT HXT  sing N N 172 
LYS N   CA   sing N N 173 
LYS N   H    sing N N 174 
LYS N   H2   sing N N 175 
LYS CA  C    sing N N 176 
LYS CA  CB   sing N N 177 
LYS CA  HA   sing N N 178 
LYS C   O    doub N N 179 
LYS C   OXT  sing N N 180 
LYS CB  CG   sing N N 181 
LYS CB  HB2  sing N N 182 
LYS CB  HB3  sing N N 183 
LYS CG  CD   sing N N 184 
LYS CG  HG2  sing N N 185 
LYS CG  HG3  sing N N 186 
LYS CD  CE   sing N N 187 
LYS CD  HD2  sing N N 188 
LYS CD  HD3  sing N N 189 
LYS CE  NZ   sing N N 190 
LYS CE  HE2  sing N N 191 
LYS CE  HE3  sing N N 192 
LYS NZ  HZ1  sing N N 193 
LYS NZ  HZ2  sing N N 194 
LYS NZ  HZ3  sing N N 195 
LYS OXT HXT  sing N N 196 
PHE N   CA   sing N N 197 
PHE N   H    sing N N 198 
PHE N   H2   sing N N 199 
PHE CA  C    sing N N 200 
PHE CA  CB   sing N N 201 
PHE CA  HA   sing N N 202 
PHE C   O    doub N N 203 
PHE C   OXT  sing N N 204 
PHE CB  CG   sing N N 205 
PHE CB  HB2  sing N N 206 
PHE CB  HB3  sing N N 207 
PHE CG  CD1  doub Y N 208 
PHE CG  CD2  sing Y N 209 
PHE CD1 CE1  sing Y N 210 
PHE CD1 HD1  sing N N 211 
PHE CD2 CE2  doub Y N 212 
PHE CD2 HD2  sing N N 213 
PHE CE1 CZ   doub Y N 214 
PHE CE1 HE1  sing N N 215 
PHE CE2 CZ   sing Y N 216 
PHE CE2 HE2  sing N N 217 
PHE CZ  HZ   sing N N 218 
PHE OXT HXT  sing N N 219 
PRO N   CA   sing N N 220 
PRO N   CD   sing N N 221 
PRO N   H    sing N N 222 
PRO CA  C    sing N N 223 
PRO CA  CB   sing N N 224 
PRO CA  HA   sing N N 225 
PRO C   O    doub N N 226 
PRO C   OXT  sing N N 227 
PRO CB  CG   sing N N 228 
PRO CB  HB2  sing N N 229 
PRO CB  HB3  sing N N 230 
PRO CG  CD   sing N N 231 
PRO CG  HG2  sing N N 232 
PRO CG  HG3  sing N N 233 
PRO CD  HD2  sing N N 234 
PRO CD  HD3  sing N N 235 
PRO OXT HXT  sing N N 236 
SER N   CA   sing N N 237 
SER N   H    sing N N 238 
SER N   H2   sing N N 239 
SER CA  C    sing N N 240 
SER CA  CB   sing N N 241 
SER CA  HA   sing N N 242 
SER C   O    doub N N 243 
SER C   OXT  sing N N 244 
SER CB  OG   sing N N 245 
SER CB  HB2  sing N N 246 
SER CB  HB3  sing N N 247 
SER OG  HG   sing N N 248 
SER OXT HXT  sing N N 249 
THR N   CA   sing N N 250 
THR N   H    sing N N 251 
THR N   H2   sing N N 252 
THR CA  C    sing N N 253 
THR CA  CB   sing N N 254 
THR CA  HA   sing N N 255 
THR C   O    doub N N 256 
THR C   OXT  sing N N 257 
THR CB  OG1  sing N N 258 
THR CB  CG2  sing N N 259 
THR CB  HB   sing N N 260 
THR OG1 HG1  sing N N 261 
THR CG2 HG21 sing N N 262 
THR CG2 HG22 sing N N 263 
THR CG2 HG23 sing N N 264 
THR OXT HXT  sing N N 265 
TYR N   CA   sing N N 266 
TYR N   H    sing N N 267 
TYR N   H2   sing N N 268 
TYR CA  C    sing N N 269 
TYR CA  CB   sing N N 270 
TYR CA  HA   sing N N 271 
TYR C   O    doub N N 272 
TYR C   OXT  sing N N 273 
TYR CB  CG   sing N N 274 
TYR CB  HB2  sing N N 275 
TYR CB  HB3  sing N N 276 
TYR CG  CD1  doub Y N 277 
TYR CG  CD2  sing Y N 278 
TYR CD1 CE1  sing Y N 279 
TYR CD1 HD1  sing N N 280 
TYR CD2 CE2  doub Y N 281 
TYR CD2 HD2  sing N N 282 
TYR CE1 CZ   doub Y N 283 
TYR CE1 HE1  sing N N 284 
TYR CE2 CZ   sing Y N 285 
TYR CE2 HE2  sing N N 286 
TYR CZ  OH   sing N N 287 
TYR OH  HH   sing N N 288 
TYR OXT HXT  sing N N 289 
VAL N   CA   sing N N 290 
VAL N   H    sing N N 291 
VAL N   H2   sing N N 292 
VAL CA  C    sing N N 293 
VAL CA  CB   sing N N 294 
VAL CA  HA   sing N N 295 
VAL C   O    doub N N 296 
VAL C   OXT  sing N N 297 
VAL CB  CG1  sing N N 298 
VAL CB  CG2  sing N N 299 
VAL CB  HB   sing N N 300 
VAL CG1 HG11 sing N N 301 
VAL CG1 HG12 sing N N 302 
VAL CG1 HG13 sing N N 303 
VAL CG2 HG21 sing N N 304 
VAL CG2 HG22 sing N N 305 
VAL CG2 HG23 sing N N 306 
VAL OXT HXT  sing N N 307 
# 
_atom_sites.entry_id                    1HPT 
_atom_sites.fract_transf_matrix[1][1]   -0.00178568 
_atom_sites.fract_transf_matrix[1][2]   0.00993493 
_atom_sites.fract_transf_matrix[1][3]   -0.02276988 
_atom_sites.fract_transf_matrix[2][1]   0.01273867 
_atom_sites.fract_transf_matrix[2][2]   -0.01923280 
_atom_sites.fract_transf_matrix[2][3]   -0.00939064 
_atom_sites.fract_transf_matrix[3][1]   -0.02525280 
_atom_sites.fract_transf_matrix[3][2]   -0.01458563 
_atom_sites.fract_transf_matrix[3][3]   -0.00438359 
_atom_sites.fract_transf_vector[1]      0.180778 
_atom_sites.fract_transf_vector[2]      0.284632 
_atom_sites.fract_transf_vector[3]      0.516543 
# 
loop_
_atom_type.symbol 
C 
N 
O 
S 
# 
loop_
_atom_site.group_PDB 
_atom_site.id 
_atom_site.type_symbol 
_atom_site.label_atom_id 
_atom_site.label_alt_id 
_atom_site.label_comp_id 
_atom_site.label_asym_id 
_atom_site.label_entity_id 
_atom_site.label_seq_id 
_atom_site.pdbx_PDB_ins_code 
_atom_site.Cartn_x 
_atom_site.Cartn_y 
_atom_site.Cartn_z 
_atom_site.occupancy 
_atom_site.B_iso_or_equiv 
_atom_site.pdbx_formal_charge 
_atom_site.auth_seq_id 
_atom_site.auth_comp_id 
_atom_site.auth_asym_id 
_atom_site.auth_atom_id 
_atom_site.pdbx_PDB_model_num 
ATOM   1   N N   . ASP A 1 1  ? -3.761  -8.108  -17.103 1.00 58.24 ? 1  ASP A N   1 
ATOM   2   C CA  . ASP A 1 1  ? -4.791  -7.301  -16.477 1.00 58.24 ? 1  ASP A CA  1 
ATOM   3   C C   . ASP A 1 1  ? -4.216  -6.835  -15.144 1.00 58.24 ? 1  ASP A C   1 
ATOM   4   O O   . ASP A 1 1  ? -3.057  -6.421  -15.169 1.00 58.24 ? 1  ASP A O   1 
ATOM   5   C CB  . ASP A 1 1  ? -6.120  -8.126  -16.304 1.00 63.13 ? 1  ASP A CB  1 
ATOM   6   C CG  . ASP A 1 1  ? -6.151  -9.508  -15.638 1.00 63.13 ? 1  ASP A CG  1 
ATOM   7   O OD1 . ASP A 1 1  ? -5.873  -9.626  -14.444 1.00 63.13 ? 1  ASP A OD1 1 
ATOM   8   O OD2 . ASP A 1 1  ? -6.505  -10.468 -16.324 1.00 63.13 ? 1  ASP A OD2 1 
ATOM   9   N N   . SER A 1 2  ? -4.890  -6.806  -14.001 1.00 47.34 ? 2  SER A N   1 
ATOM   10  C CA  . SER A 1 2  ? -4.259  -6.418  -12.752 1.00 47.34 ? 2  SER A CA  1 
ATOM   11  C C   . SER A 1 2  ? -4.489  -7.553  -11.770 1.00 47.34 ? 2  SER A C   1 
ATOM   12  O O   . SER A 1 2  ? -5.459  -8.294  -11.929 1.00 47.34 ? 2  SER A O   1 
ATOM   13  C CB  . SER A 1 2  ? -4.886  -5.139  -12.232 1.00 48.43 ? 2  SER A CB  1 
ATOM   14  O OG  . SER A 1 2  ? -4.435  -4.023  -12.987 1.00 48.43 ? 2  SER A OG  1 
ATOM   15  N N   . LEU A 1 3  ? -3.573  -7.749  -10.819 1.00 38.36 ? 3  LEU A N   1 
ATOM   16  C CA  . LEU A 1 3  ? -3.723  -8.805  -9.820  1.00 38.36 ? 3  LEU A CA  1 
ATOM   17  C C   . LEU A 1 3  ? -4.092  -8.224  -8.446  1.00 38.36 ? 3  LEU A C   1 
ATOM   18  O O   . LEU A 1 3  ? -3.730  -8.745  -7.381  1.00 38.36 ? 3  LEU A O   1 
ATOM   19  C CB  . LEU A 1 3  ? -2.399  -9.586  -9.766  1.00 39.42 ? 3  LEU A CB  1 
ATOM   20  C CG  . LEU A 1 3  ? -2.315  -11.022 -10.281 1.00 39.42 ? 3  LEU A CG  1 
ATOM   21  C CD1 . LEU A 1 3  ? -2.914  -11.184 -11.668 1.00 39.42 ? 3  LEU A CD1 1 
ATOM   22  C CD2 . LEU A 1 3  ? -0.844  -11.401 -10.277 1.00 39.42 ? 3  LEU A CD2 1 
ATOM   23  N N   . GLY A 1 4  ? -4.784  -7.091  -8.466  1.00 25.50 ? 4  GLY A N   1 
ATOM   24  C CA  . GLY A 1 4  ? -5.203  -6.412  -7.263  1.00 25.50 ? 4  GLY A CA  1 
ATOM   25  C C   . GLY A 1 4  ? -5.626  -4.983  -7.554  1.00 25.50 ? 4  GLY A C   1 
ATOM   26  O O   . GLY A 1 4  ? -5.854  -4.609  -8.713  1.00 25.50 ? 4  GLY A O   1 
ATOM   27  N N   . ARG A 1 5  ? -5.673  -4.157  -6.511  1.00 10.23 ? 5  ARG A N   1 
ATOM   28  C CA  . ARG A 1 5  ? -6.114  -2.772  -6.642  1.00 10.23 ? 5  ARG A CA  1 
ATOM   29  C C   . ARG A 1 5  ? -5.094  -1.730  -6.213  1.00 10.23 ? 5  ARG A C   1 
ATOM   30  O O   . ARG A 1 5  ? -4.154  -2.005  -5.472  1.00 10.23 ? 5  ARG A O   1 
ATOM   31  C CB  . ARG A 1 5  ? -7.381  -2.560  -5.843  1.00 9.86  ? 5  ARG A CB  1 
ATOM   32  C CG  . ARG A 1 5  ? -7.234  -2.687  -4.359  1.00 9.86  ? 5  ARG A CG  1 
ATOM   33  C CD  . ARG A 1 5  ? -8.492  -2.110  -3.757  1.00 9.86  ? 5  ARG A CD  1 
ATOM   34  N NE  . ARG A 1 5  ? -8.322  -2.116  -2.327  1.00 9.86  ? 5  ARG A NE  1 
ATOM   35  C CZ  . ARG A 1 5  ? -7.866  -1.058  -1.664  1.00 9.86  ? 5  ARG A CZ  1 
ATOM   36  N NH1 . ARG A 1 5  ? -7.539  0.087   -2.263  1.00 9.86  ? 5  ARG A NH1 1 
ATOM   37  N NH2 . ARG A 1 5  ? -7.746  -1.170  -0.358  1.00 9.86  ? 5  ARG A NH2 1 
ATOM   38  N N   . GLU A 1 6  ? -5.258  -0.516  -6.692  1.00 7.12  ? 6  GLU A N   1 
ATOM   39  C CA  . GLU A 1 6  ? -4.380  0.590   -6.391  1.00 7.12  ? 6  GLU A CA  1 
ATOM   40  C C   . GLU A 1 6  ? -4.496  1.013   -4.930  1.00 7.12  ? 6  GLU A C   1 
ATOM   41  O O   . GLU A 1 6  ? -5.584  1.135   -4.346  1.00 7.12  ? 6  GLU A O   1 
ATOM   42  C CB  . GLU A 1 6  ? -4.730  1.747   -7.325  1.00 20.58 ? 6  GLU A CB  1 
ATOM   43  C CG  . GLU A 1 6  ? -3.721  2.889   -7.303  1.00 20.58 ? 6  GLU A CG  1 
ATOM   44  C CD  . GLU A 1 6  ? -4.023  4.078   -8.206  1.00 20.58 ? 6  GLU A CD  1 
ATOM   45  O OE1 . GLU A 1 6  ? -4.362  3.880   -9.377  1.00 20.58 ? 6  GLU A OE1 1 
ATOM   46  O OE2 . GLU A 1 6  ? -3.891  5.213   -7.735  1.00 20.58 ? 6  GLU A OE2 1 
ATOM   47  N N   . ALA A 1 7  ? -3.311  1.226   -4.367  1.00 6.64  ? 7  ALA A N   1 
ATOM   48  C CA  . ALA A 1 7  ? -3.151  1.650   -3.000  1.00 6.64  ? 7  ALA A CA  1 
ATOM   49  C C   . ALA A 1 7  ? -3.331  3.151   -2.971  1.00 6.64  ? 7  ALA A C   1 
ATOM   50  O O   . ALA A 1 7  ? -2.646  3.882   -3.682  1.00 6.64  ? 7  ALA A O   1 
ATOM   51  C CB  . ALA A 1 7  ? -1.766  1.318   -2.470  1.00 2.06  ? 7  ALA A CB  1 
ATOM   52  N N   . LYS A 1 8  ? -4.223  3.607   -2.099  1.00 7.71  ? 8  LYS A N   1 
ATOM   53  C CA  . LYS A 1 8  ? -4.640  4.985   -1.909  1.00 7.71  ? 8  LYS A CA  1 
ATOM   54  C C   . LYS A 1 8  ? -3.886  5.609   -0.767  1.00 7.71  ? 8  LYS A C   1 
ATOM   55  O O   . LYS A 1 8  ? -3.504  4.934   0.185   1.00 7.71  ? 8  LYS A O   1 
ATOM   56  C CB  . LYS A 1 8  ? -6.136  5.075   -1.571  1.00 19.39 ? 8  LYS A CB  1 
ATOM   57  C CG  . LYS A 1 8  ? -7.086  4.522   -2.617  1.00 19.39 ? 8  LYS A CG  1 
ATOM   58  C CD  . LYS A 1 8  ? -6.791  5.303   -3.881  1.00 19.39 ? 8  LYS A CD  1 
ATOM   59  C CE  . LYS A 1 8  ? -7.360  4.628   -5.089  1.00 19.39 ? 8  LYS A CE  1 
ATOM   60  N NZ  . LYS A 1 8  ? -6.627  5.110   -6.244  1.00 19.39 ? 8  LYS A NZ  1 
ATOM   61  N N   . CYS A 1 9  ? -3.660  6.910   -0.878  1.00 5.49  ? 9  CYS A N   1 
ATOM   62  C CA  . CYS A 1 9  ? -3.015  7.667   0.176   1.00 5.49  ? 9  CYS A CA  1 
ATOM   63  C C   . CYS A 1 9  ? -4.018  8.391   1.056   1.00 5.49  ? 9  CYS A C   1 
ATOM   64  O O   . CYS A 1 9  ? -3.591  9.168   1.901   1.00 5.49  ? 9  CYS A O   1 
ATOM   65  C CB  . CYS A 1 9  ? -2.057  8.673   -0.420  1.00 5.93  ? 9  CYS A CB  1 
ATOM   66  S SG  . CYS A 1 9  ? -0.442  7.964   -0.845  1.00 5.93  ? 9  CYS A SG  1 
ATOM   67  N N   . TYR A 1 10 ? -5.342  8.225   0.874   1.00 9.62  ? 10 TYR A N   1 
ATOM   68  C CA  . TYR A 1 10 ? -6.364  8.767   1.756   1.00 9.62  ? 10 TYR A CA  1 
ATOM   69  C C   . TYR A 1 10 ? -6.310  10.265  2.093   1.00 9.62  ? 10 TYR A C   1 
ATOM   70  O O   . TYR A 1 10 ? -6.663  10.701  3.190   1.00 9.62  ? 10 TYR A O   1 
ATOM   71  C CB  . TYR A 1 10 ? -6.340  7.934   3.055   1.00 5.08  ? 10 TYR A CB  1 
ATOM   72  C CG  . TYR A 1 10 ? -6.847  6.524   2.819   1.00 5.08  ? 10 TYR A CG  1 
ATOM   73  C CD1 . TYR A 1 10 ? -6.003  5.555   2.318   1.00 5.08  ? 10 TYR A CD1 1 
ATOM   74  C CD2 . TYR A 1 10 ? -8.175  6.255   3.054   1.00 5.08  ? 10 TYR A CD2 1 
ATOM   75  C CE1 . TYR A 1 10 ? -6.503  4.309   2.031   1.00 5.08  ? 10 TYR A CE1 1 
ATOM   76  C CE2 . TYR A 1 10 ? -8.673  5.007   2.763   1.00 5.08  ? 10 TYR A CE2 1 
ATOM   77  C CZ  . TYR A 1 10 ? -7.834  4.057   2.250   1.00 5.08  ? 10 TYR A CZ  1 
ATOM   78  O OH  . TYR A 1 10 ? -8.375  2.858   1.874   1.00 5.08  ? 10 TYR A OH  1 
ATOM   79  N N   . ASN A 1 11 ? -5.868  11.059  1.109   1.00 19.40 ? 11 ASN A N   1 
ATOM   80  C CA  . ASN A 1 11 ? -5.665  12.505  1.189   1.00 19.40 ? 11 ASN A CA  1 
ATOM   81  C C   . ASN A 1 11 ? -4.612  12.948  2.185   1.00 19.40 ? 11 ASN A C   1 
ATOM   82  O O   . ASN A 1 11 ? -4.569  14.101  2.637   1.00 19.40 ? 11 ASN A O   1 
ATOM   83  C CB  . ASN A 1 11 ? -6.968  13.245  1.529   1.00 30.39 ? 11 ASN A CB  1 
ATOM   84  C CG  . ASN A 1 11 ? -7.768  13.561  0.282   1.00 30.39 ? 11 ASN A CG  1 
ATOM   85  O OD1 . ASN A 1 11 ? -7.379  14.391  -0.534  1.00 30.39 ? 11 ASN A OD1 1 
ATOM   86  N ND2 . ASN A 1 11 ? -8.902  12.913  0.047   1.00 30.39 ? 11 ASN A ND2 1 
ATOM   87  N N   . GLU A 1 12 ? -3.703  12.034  2.518   1.00 24.20 ? 12 GLU A N   1 
ATOM   88  C CA  . GLU A 1 12 ? -2.629  12.342  3.432   1.00 24.20 ? 12 GLU A CA  1 
ATOM   89  C C   . GLU A 1 12 ? -1.617  13.216  2.738   1.00 24.20 ? 12 GLU A C   1 
ATOM   90  O O   . GLU A 1 12 ? -1.049  12.860  1.708   1.00 24.20 ? 12 GLU A O   1 
ATOM   91  C CB  . GLU A 1 12 ? -1.945  11.067  3.916   1.00 20.35 ? 12 GLU A CB  1 
ATOM   92  C CG  . GLU A 1 12 ? -2.823  10.296  4.895   1.00 20.35 ? 12 GLU A CG  1 
ATOM   93  C CD  . GLU A 1 12 ? -3.113  10.950  6.253   1.00 20.35 ? 12 GLU A CD  1 
ATOM   94  O OE1 . GLU A 1 12 ? -2.460  11.924  6.634   1.00 20.35 ? 12 GLU A OE1 1 
ATOM   95  O OE2 . GLU A 1 12 ? -3.995  10.459  6.962   1.00 20.35 ? 12 GLU A OE2 1 
ATOM   96  N N   . LEU A 1 13 ? -1.439  14.389  3.320   1.00 35.63 ? 13 LEU A N   1 
ATOM   97  C CA  . LEU A 1 13 ? -0.503  15.352  2.796   1.00 35.63 ? 13 LEU A CA  1 
ATOM   98  C C   . LEU A 1 13 ? 0.948   14.912  2.903   1.00 35.63 ? 13 LEU A C   1 
ATOM   99  O O   . LEU A 1 13 ? 1.633   14.691  1.901   1.00 35.63 ? 13 LEU A O   1 
ATOM   100 C CB  . LEU A 1 13 ? -0.686  16.677  3.526   1.00 39.39 ? 13 LEU A CB  1 
ATOM   101 C CG  . LEU A 1 13 ? -1.116  17.897  2.727   1.00 39.39 ? 13 LEU A CG  1 
ATOM   102 C CD1 . LEU A 1 13 ? -0.022  18.258  1.722   1.00 39.39 ? 13 LEU A CD1 1 
ATOM   103 C CD2 . LEU A 1 13 ? -2.439  17.608  2.025   1.00 39.39 ? 13 LEU A CD2 1 
ATOM   104 N N   . ASN A 1 14 ? 1.453   14.785  4.125   1.00 41.29 ? 14 ASN A N   1 
ATOM   105 C CA  . ASN A 1 14 ? 2.869   14.509  4.237   1.00 41.29 ? 14 ASN A CA  1 
ATOM   106 C C   . ASN A 1 14 ? 3.260   13.107  4.567   1.00 41.29 ? 14 ASN A C   1 
ATOM   107 O O   . ASN A 1 14 ? 4.340   12.650  4.183   1.00 41.29 ? 14 ASN A O   1 
ATOM   108 C CB  . ASN A 1 14 ? 3.511   15.404  5.270   1.00 50.54 ? 14 ASN A CB  1 
ATOM   109 C CG  . ASN A 1 14 ? 3.713   16.809  4.741   1.00 50.54 ? 14 ASN A CG  1 
ATOM   110 O OD1 . ASN A 1 14 ? 3.196   17.755  5.323   1.00 50.54 ? 14 ASN A OD1 1 
ATOM   111 N ND2 . ASN A 1 14 ? 4.397   17.034  3.626   1.00 50.54 ? 14 ASN A ND2 1 
ATOM   112 N N   . GLY A 1 15 ? 2.398   12.437  5.317   1.00 26.55 ? 15 GLY A N   1 
ATOM   113 C CA  . GLY A 1 15 ? 2.703   11.097  5.740   1.00 26.55 ? 15 GLY A CA  1 
ATOM   114 C C   . GLY A 1 15 ? 1.456   10.457  6.274   1.00 26.55 ? 15 GLY A C   1 
ATOM   115 O O   . GLY A 1 15 ? 0.382   11.057  6.379   1.00 26.55 ? 15 GLY A O   1 
ATOM   116 N N   . CYS A 1 16 ? 1.693   9.224   6.628   1.00 9.59  ? 16 CYS A N   1 
ATOM   117 C CA  . CYS A 1 16 ? 0.646   8.355   7.089   1.00 9.59  ? 16 CYS A CA  1 
ATOM   118 C C   . CYS A 1 16 ? 0.625   8.283   8.600   1.00 9.59  ? 16 CYS A C   1 
ATOM   119 O O   . CYS A 1 16 ? 1.598   8.601   9.303   1.00 9.59  ? 16 CYS A O   1 
ATOM   120 C CB  . CYS A 1 16 ? 0.877   6.967   6.537   1.00 9.57  ? 16 CYS A CB  1 
ATOM   121 S SG  . CYS A 1 16 ? 1.274   7.053   4.780   1.00 9.57  ? 16 CYS A SG  1 
ATOM   122 N N   . THR A 1 17 ? -0.502  7.822   9.109   1.00 4.03  ? 17 THR A N   1 
ATOM   123 C CA  . THR A 1 17 ? -0.598  7.558   10.513  1.00 4.03  ? 17 THR A CA  1 
ATOM   124 C C   . THR A 1 17 ? 0.070   6.196   10.739  1.00 4.03  ? 17 THR A C   1 
ATOM   125 O O   . THR A 1 17 ? 0.443   5.428   9.833   1.00 4.03  ? 17 THR A O   1 
ATOM   126 C CB  . THR A 1 17 ? -2.068  7.526   10.932  1.00 2.98  ? 17 THR A CB  1 
ATOM   127 O OG1 . THR A 1 17 ? -2.641  6.401   10.290  1.00 2.98  ? 17 THR A OG1 1 
ATOM   128 C CG2 . THR A 1 17 ? -2.810  8.815   10.586  1.00 2.98  ? 17 THR A CG2 1 
ATOM   129 N N   . TYR A 1 18 ? 0.212   5.846   12.005  1.00 4.97  ? 18 TYR A N   1 
ATOM   130 C CA  . TYR A 1 18 ? 0.765   4.572   12.376  1.00 4.97  ? 18 TYR A CA  1 
ATOM   131 C C   . TYR A 1 18 ? -0.391  3.656   12.723  1.00 4.97  ? 18 TYR A C   1 
ATOM   132 O O   . TYR A 1 18 ? -0.335  2.862   13.666  1.00 4.97  ? 18 TYR A O   1 
ATOM   133 C CB  . TYR A 1 18 ? 1.720   4.778   13.548  1.00 2.37  ? 18 TYR A CB  1 
ATOM   134 C CG  . TYR A 1 18 ? 2.944   5.628   13.184  1.00 2.37  ? 18 TYR A CG  1 
ATOM   135 C CD1 . TYR A 1 18 ? 3.519   5.579   11.921  1.00 2.37  ? 18 TYR A CD1 1 
ATOM   136 C CD2 . TYR A 1 18 ? 3.504   6.438   14.151  1.00 2.37  ? 18 TYR A CD2 1 
ATOM   137 C CE1 . TYR A 1 18 ? 4.643   6.320   11.628  1.00 2.37  ? 18 TYR A CE1 1 
ATOM   138 C CE2 . TYR A 1 18 ? 4.630   7.185   13.866  1.00 2.37  ? 18 TYR A CE2 1 
ATOM   139 C CZ  . TYR A 1 18 ? 5.187   7.110   12.615  1.00 2.37  ? 18 TYR A CZ  1 
ATOM   140 O OH  . TYR A 1 18 ? 6.357   7.792   12.403  1.00 2.37  ? 18 TYR A OH  1 
ATOM   141 N N   . GLU A 1 19 ? -1.479  3.755   11.970  1.00 6.85  ? 19 GLU A N   1 
ATOM   142 C CA  . GLU A 1 19 ? -2.595  2.854   12.160  1.00 6.85  ? 19 GLU A CA  1 
ATOM   143 C C   . GLU A 1 19 ? -2.132  1.513   11.592  1.00 6.85  ? 19 GLU A C   1 
ATOM   144 O O   . GLU A 1 19 ? -1.625  1.464   10.464  1.00 6.85  ? 19 GLU A O   1 
ATOM   145 C CB  . GLU A 1 19 ? -3.786  3.314   11.381  1.00 7.48  ? 19 GLU A CB  1 
ATOM   146 C CG  . GLU A 1 19 ? -4.996  2.460   11.719  1.00 7.48  ? 19 GLU A CG  1 
ATOM   147 C CD  . GLU A 1 19 ? -6.089  2.477   10.682  1.00 7.48  ? 19 GLU A CD  1 
ATOM   148 O OE1 . GLU A 1 19 ? -6.171  3.418   9.907   1.00 7.48  ? 19 GLU A OE1 1 
ATOM   149 O OE2 . GLU A 1 19 ? -6.866  1.538   10.642  1.00 7.48  ? 19 GLU A OE2 1 
ATOM   150 N N   . TYR A 1 20 ? -2.296  0.435   12.332  1.00 5.92  ? 20 TYR A N   1 
ATOM   151 C CA  . TYR A 1 20 ? -1.930  -0.866  11.858  1.00 5.92  ? 20 TYR A CA  1 
ATOM   152 C C   . TYR A 1 20 ? -3.158  -1.516  11.240  1.00 5.92  ? 20 TYR A C   1 
ATOM   153 O O   . TYR A 1 20 ? -4.067  -1.970  11.926  1.00 5.92  ? 20 TYR A O   1 
ATOM   154 C CB  . TYR A 1 20 ? -1.388  -1.685  13.044  1.00 13.76 ? 20 TYR A CB  1 
ATOM   155 C CG  . TYR A 1 20 ? -0.855  -3.045  12.621  1.00 13.76 ? 20 TYR A CG  1 
ATOM   156 C CD1 . TYR A 1 20 ? 0.288   -3.128  11.857  1.00 13.76 ? 20 TYR A CD1 1 
ATOM   157 C CD2 . TYR A 1 20 ? -1.536  -4.188  12.983  1.00 13.76 ? 20 TYR A CD2 1 
ATOM   158 C CE1 . TYR A 1 20 ? 0.753   -4.356  11.443  1.00 13.76 ? 20 TYR A CE1 1 
ATOM   159 C CE2 . TYR A 1 20 ? -1.076  -5.424  12.577  1.00 13.76 ? 20 TYR A CE2 1 
ATOM   160 C CZ  . TYR A 1 20 ? 0.060   -5.492  11.809  1.00 13.76 ? 20 TYR A CZ  1 
ATOM   161 O OH  . TYR A 1 20 ? 0.501   -6.723  11.369  1.00 13.76 ? 20 TYR A OH  1 
ATOM   162 N N   . ARG A 1 21 ? -3.201  -1.586  9.915   1.00 7.69  ? 21 ARG A N   1 
ATOM   163 C CA  . ARG A 1 21 ? -4.297  -2.191  9.167   1.00 7.69  ? 21 ARG A CA  1 
ATOM   164 C C   . ARG A 1 21 ? -3.611  -2.774  7.925   1.00 7.69  ? 21 ARG A C   1 
ATOM   165 O O   . ARG A 1 21 ? -3.569  -2.131  6.866   1.00 7.69  ? 21 ARG A O   1 
ATOM   166 C CB  . ARG A 1 21 ? -5.347  -1.105  8.789   1.00 7.97  ? 21 ARG A CB  1 
ATOM   167 C CG  . ARG A 1 21 ? -6.534  -1.671  8.027   1.00 7.97  ? 21 ARG A CG  1 
ATOM   168 C CD  . ARG A 1 21 ? -7.447  -0.574  7.505   1.00 7.97  ? 21 ARG A CD  1 
ATOM   169 N NE  . ARG A 1 21 ? -8.177  0.088   8.572   1.00 7.97  ? 21 ARG A NE  1 
ATOM   170 C CZ  . ARG A 1 21 ? -9.449  -0.203  8.897   1.00 7.97  ? 21 ARG A CZ  1 
ATOM   171 N NH1 . ARG A 1 21 ? -10.169 -1.118  8.238   1.00 7.97  ? 21 ARG A NH1 1 
ATOM   172 N NH2 . ARG A 1 21 ? -9.992  0.426   9.945   1.00 7.97  ? 21 ARG A NH2 1 
ATOM   173 N N   . PRO A 1 22 ? -3.018  -3.964  8.058   1.00 5.84  ? 22 PRO A N   1 
ATOM   174 C CA  . PRO A 1 22 ? -2.074  -4.541  7.104   1.00 5.84  ? 22 PRO A CA  1 
ATOM   175 C C   . PRO A 1 22 ? -2.640  -4.884  5.744   1.00 5.84  ? 22 PRO A C   1 
ATOM   176 O O   . PRO A 1 22 ? -3.753  -5.406  5.632   1.00 5.84  ? 22 PRO A O   1 
ATOM   177 C CB  . PRO A 1 22 ? -1.516  -5.788  7.758   1.00 5.78  ? 22 PRO A CB  1 
ATOM   178 C CG  . PRO A 1 22 ? -2.121  -5.793  9.154   1.00 5.78  ? 22 PRO A CG  1 
ATOM   179 C CD  . PRO A 1 22 ? -3.369  -4.945  9.072   1.00 5.78  ? 22 PRO A CD  1 
ATOM   180 N N   . VAL A 1 23 ? -1.881  -4.633  4.693   1.00 7.95  ? 23 VAL A N   1 
ATOM   181 C CA  . VAL A 1 23 ? -2.286  -5.092  3.380   1.00 7.95  ? 23 VAL A CA  1 
ATOM   182 C C   . VAL A 1 23 ? -1.132  -5.891  2.803   1.00 7.95  ? 23 VAL A C   1 
ATOM   183 O O   . VAL A 1 23 ? 0.045   -5.718  3.162   1.00 7.95  ? 23 VAL A O   1 
ATOM   184 C CB  . VAL A 1 23 ? -2.657  -3.906  2.427   1.00 8.72  ? 23 VAL A CB  1 
ATOM   185 C CG1 . VAL A 1 23 ? -3.925  -3.265  3.010   1.00 8.72  ? 23 VAL A CG1 1 
ATOM   186 C CG2 . VAL A 1 23 ? -1.510  -2.899  2.234   1.00 8.72  ? 23 VAL A CG2 1 
ATOM   187 N N   . CYS A 1 24 ? -1.514  -6.841  1.963   1.00 10.50 ? 24 CYS A N   1 
ATOM   188 C CA  . CYS A 1 24 ? -0.573  -7.688  1.253   1.00 10.50 ? 24 CYS A CA  1 
ATOM   189 C C   . CYS A 1 24 ? -0.334  -7.044  -0.113  1.00 10.50 ? 24 CYS A C   1 
ATOM   190 O O   . CYS A 1 24 ? -1.294  -6.834  -0.876  1.00 10.50 ? 24 CYS A O   1 
ATOM   191 C CB  . CYS A 1 24 ? -1.185  -9.087  1.117   1.00 13.02 ? 24 CYS A CB  1 
ATOM   192 S SG  . CYS A 1 24 ? -0.172  -10.284 0.210   1.00 13.02 ? 24 CYS A SG  1 
ATOM   193 N N   . GLY A 1 25 ? 0.910   -6.683  -0.455  1.00 6.29  ? 25 GLY A N   1 
ATOM   194 C CA  . GLY A 1 25 ? 1.206   -6.099  -1.756  1.00 6.29  ? 25 GLY A CA  1 
ATOM   195 C C   . GLY A 1 25 ? 1.396   -7.148  -2.847  1.00 6.29  ? 25 GLY A C   1 
ATOM   196 O O   . GLY A 1 25 ? 1.716   -8.303  -2.556  1.00 6.29  ? 25 GLY A O   1 
ATOM   197 N N   . THR A 1 26 ? 1.309   -6.841  -4.142  1.00 7.39  ? 26 THR A N   1 
ATOM   198 C CA  . THR A 1 26 ? 1.520   -7.816  -5.212  1.00 7.39  ? 26 THR A CA  1 
ATOM   199 C C   . THR A 1 26 ? 2.991   -8.229  -5.340  1.00 7.39  ? 26 THR A C   1 
ATOM   200 O O   . THR A 1 26 ? 3.397   -9.063  -6.159  1.00 7.39  ? 26 THR A O   1 
ATOM   201 C CB  . THR A 1 26 ? 1.001   -7.221  -6.544  1.00 2.07  ? 26 THR A CB  1 
ATOM   202 O OG1 . THR A 1 26 ? 1.515   -5.892  -6.633  1.00 2.07  ? 26 THR A OG1 1 
ATOM   203 C CG2 . THR A 1 26 ? -0.510  -7.297  -6.644  1.00 2.07  ? 26 THR A CG2 1 
ATOM   204 N N   . ASP A 1 27 ? 3.851   -7.586  -4.562  1.00 7.77  ? 27 ASP A N   1 
ATOM   205 C CA  . ASP A 1 27 ? 5.235   -7.985  -4.451  1.00 7.77  ? 27 ASP A CA  1 
ATOM   206 C C   . ASP A 1 27 ? 5.381   -9.082  -3.389  1.00 7.77  ? 27 ASP A C   1 
ATOM   207 O O   . ASP A 1 27 ? 6.467   -9.589  -3.168  1.00 7.77  ? 27 ASP A O   1 
ATOM   208 C CB  . ASP A 1 27 ? 6.041   -6.742  -4.097  1.00 6.12  ? 27 ASP A CB  1 
ATOM   209 C CG  . ASP A 1 27 ? 5.694   -6.043  -2.780  1.00 6.12  ? 27 ASP A CG  1 
ATOM   210 O OD1 . ASP A 1 27 ? 4.632   -6.273  -2.197  1.00 6.12  ? 27 ASP A OD1 1 
ATOM   211 O OD2 . ASP A 1 27 ? 6.519   -5.258  -2.323  1.00 6.12  ? 27 ASP A OD2 1 
ATOM   212 N N   . GLY A 1 28 ? 4.336   -9.472  -2.661  1.00 11.02 ? 28 GLY A N   1 
ATOM   213 C CA  . GLY A 1 28 ? 4.420   -10.496 -1.627  1.00 11.02 ? 28 GLY A CA  1 
ATOM   214 C C   . GLY A 1 28 ? 4.814   -9.961  -0.251  1.00 11.02 ? 28 GLY A C   1 
ATOM   215 O O   . GLY A 1 28 ? 4.983   -10.742 0.696   1.00 11.02 ? 28 GLY A O   1 
ATOM   216 N N   . ASP A 1 29 ? 5.001   -8.639  -0.120  1.00 12.83 ? 29 ASP A N   1 
ATOM   217 C CA  . ASP A 1 29 ? 5.337   -7.996  1.143   1.00 12.83 ? 29 ASP A CA  1 
ATOM   218 C C   . ASP A 1 29 ? 4.133   -7.386  1.815   1.00 12.83 ? 29 ASP A C   1 
ATOM   219 O O   . ASP A 1 29 ? 3.256   -6.809  1.160   1.00 12.83 ? 29 ASP A O   1 
ATOM   220 C CB  . ASP A 1 29 ? 6.323   -6.845  1.011   1.00 19.98 ? 29 ASP A CB  1 
ATOM   221 C CG  . ASP A 1 29 ? 7.776   -7.182  0.720   1.00 19.98 ? 29 ASP A CG  1 
ATOM   222 O OD1 . ASP A 1 29 ? 8.218   -8.309  0.916   1.00 19.98 ? 29 ASP A OD1 1 
ATOM   223 O OD2 . ASP A 1 29 ? 8.494   -6.282  0.306   1.00 19.98 ? 29 ASP A OD2 1 
ATOM   224 N N   . THR A 1 30 ? 4.099   -7.550  3.138   1.00 9.40  ? 30 THR A N   1 
ATOM   225 C CA  . THR A 1 30 ? 3.098   -6.897  3.962   1.00 9.40  ? 30 THR A CA  1 
ATOM   226 C C   . THR A 1 30 ? 3.506   -5.455  4.252   1.00 9.40  ? 30 THR A C   1 
ATOM   227 O O   . THR A 1 30 ? 4.652   -5.107  4.559   1.00 9.40  ? 30 THR A O   1 
ATOM   228 C CB  . THR A 1 30 ? 2.936   -7.691  5.257   1.00 8.42  ? 30 THR A CB  1 
ATOM   229 O OG1 . THR A 1 30 ? 2.579   -9.010  4.852   1.00 8.42  ? 30 THR A OG1 1 
ATOM   230 C CG2 . THR A 1 30 ? 1.873   -7.139  6.182   1.00 8.42  ? 30 THR A CG2 1 
ATOM   231 N N   . TYR A 1 31 ? 2.509   -4.593  4.085   1.00 4.05  ? 31 TYR A N   1 
ATOM   232 C CA  . TYR A 1 31 ? 2.652   -3.183  4.371   1.00 4.05  ? 31 TYR A CA  1 
ATOM   233 C C   . TYR A 1 31 ? 1.745   -2.945  5.559   1.00 4.05  ? 31 TYR A C   1 
ATOM   234 O O   . TYR A 1 31 ? 0.613   -3.451  5.577   1.00 4.05  ? 31 TYR A O   1 
ATOM   235 C CB  . TYR A 1 31 ? 2.224   -2.390  3.158   1.00 7.40  ? 31 TYR A CB  1 
ATOM   236 C CG  . TYR A 1 31 ? 3.260   -2.574  2.069   1.00 7.40  ? 31 TYR A CG  1 
ATOM   237 C CD1 . TYR A 1 31 ? 3.149   -3.633  1.173   1.00 7.40  ? 31 TYR A CD1 1 
ATOM   238 C CD2 . TYR A 1 31 ? 4.336   -1.709  2.009   1.00 7.40  ? 31 TYR A CD2 1 
ATOM   239 C CE1 . TYR A 1 31 ? 4.126   -3.836  0.216   1.00 7.40  ? 31 TYR A CE1 1 
ATOM   240 C CE2 . TYR A 1 31 ? 5.310   -1.914  1.049   1.00 7.40  ? 31 TYR A CE2 1 
ATOM   241 C CZ  . TYR A 1 31 ? 5.193   -2.974  0.165   1.00 7.40  ? 31 TYR A CZ  1 
ATOM   242 O OH  . TYR A 1 31 ? 6.169   -3.171  -0.781  1.00 7.40  ? 31 TYR A OH  1 
ATOM   243 N N   . PRO A 1 32 ? 2.209   -2.228  6.597   1.00 2.97  ? 32 PRO A N   1 
ATOM   244 C CA  . PRO A 1 32 ? 1.481   -2.052  7.868   1.00 2.97  ? 32 PRO A CA  1 
ATOM   245 C C   . PRO A 1 32 ? 0.116   -1.414  7.717   1.00 2.97  ? 32 PRO A C   1 
ATOM   246 O O   . PRO A 1 32 ? -0.735  -1.577  8.591   1.00 2.97  ? 32 PRO A O   1 
ATOM   247 C CB  . PRO A 1 32 ? 2.374   -1.214  8.724   1.00 2.46  ? 32 PRO A CB  1 
ATOM   248 C CG  . PRO A 1 32 ? 3.732   -1.373  8.126   1.00 2.46  ? 32 PRO A CG  1 
ATOM   249 C CD  . PRO A 1 32 ? 3.478   -1.506  6.632   1.00 2.46  ? 32 PRO A CD  1 
ATOM   250 N N   . ASN A 1 33 ? -0.068  -0.642  6.643   1.00 3.54  ? 33 ASN A N   1 
ATOM   251 C CA  . ASN A 1 33 ? -1.325  -0.004  6.281   1.00 3.54  ? 33 ASN A CA  1 
ATOM   252 C C   . ASN A 1 33 ? -1.145  0.414   4.827   1.00 3.54  ? 33 ASN A C   1 
ATOM   253 O O   . ASN A 1 33 ? -0.035  0.552   4.301   1.00 3.54  ? 33 ASN A O   1 
ATOM   254 C CB  . ASN A 1 33 ? -1.665  1.250   7.141   1.00 3.20  ? 33 ASN A CB  1 
ATOM   255 C CG  . ASN A 1 33 ? -0.755  2.489   7.177   1.00 3.20  ? 33 ASN A CG  1 
ATOM   256 O OD1 . ASN A 1 33 ? -0.324  3.043   6.170   1.00 3.20  ? 33 ASN A OD1 1 
ATOM   257 N ND2 . ASN A 1 33 ? -0.473  3.010   8.365   1.00 3.20  ? 33 ASN A ND2 1 
ATOM   258 N N   . GLU A 1 34 ? -2.244  0.520   4.102   1.00 4.49  ? 34 GLU A N   1 
ATOM   259 C CA  . GLU A 1 34 ? -2.300  0.892   2.704   1.00 4.49  ? 34 GLU A CA  1 
ATOM   260 C C   . GLU A 1 34 ? -1.555  2.154   2.284   1.00 4.49  ? 34 GLU A C   1 
ATOM   261 O O   . GLU A 1 34 ? -0.933  2.236   1.215   1.00 4.49  ? 34 GLU A O   1 
ATOM   262 C CB  . GLU A 1 34 ? -3.771  1.000   2.364   1.00 6.89  ? 34 GLU A CB  1 
ATOM   263 C CG  . GLU A 1 34 ? -4.078  1.406   0.921   1.00 6.89  ? 34 GLU A CG  1 
ATOM   264 C CD  . GLU A 1 34 ? -5.546  1.342   0.534   1.00 6.89  ? 34 GLU A CD  1 
ATOM   265 O OE1 . GLU A 1 34 ? -6.377  0.870   1.314   1.00 6.89  ? 34 GLU A OE1 1 
ATOM   266 O OE2 . GLU A 1 34 ? -5.858  1.777   -0.570  1.00 6.89  ? 34 GLU A OE2 1 
ATOM   267 N N   . CYS A 1 35 ? -1.658  3.161   3.136   1.00 5.60  ? 35 CYS A N   1 
ATOM   268 C CA  . CYS A 1 35 ? -1.095  4.444   2.847   1.00 5.60  ? 35 CYS A CA  1 
ATOM   269 C C   . CYS A 1 35 ? 0.432   4.380   2.814   1.00 5.60  ? 35 CYS A C   1 
ATOM   270 O O   . CYS A 1 35 ? 1.000   5.049   1.929   1.00 5.60  ? 35 CYS A O   1 
ATOM   271 C CB  . CYS A 1 35 ? -1.654  5.346   3.890   1.00 6.16  ? 35 CYS A CB  1 
ATOM   272 S SG  . CYS A 1 35 ? -1.027  7.024   3.967   1.00 6.16  ? 35 CYS A SG  1 
ATOM   273 N N   . VAL A 1 36 ? 1.153   3.558   3.626   1.00 6.04  ? 36 VAL A N   1 
ATOM   274 C CA  . VAL A 1 36 ? 2.607   3.540   3.497   1.00 6.04  ? 36 VAL A CA  1 
ATOM   275 C C   . VAL A 1 36 ? 2.978   2.888   2.170   1.00 6.04  ? 36 VAL A C   1 
ATOM   276 O O   . VAL A 1 36 ? 4.036   3.202   1.611   1.00 6.04  ? 36 VAL A O   1 
ATOM   277 C CB  . VAL A 1 36 ? 3.355   2.766   4.648   1.00 4.42  ? 36 VAL A CB  1 
ATOM   278 C CG1 . VAL A 1 36 ? 2.938   3.326   6.002   1.00 4.42  ? 36 VAL A CG1 1 
ATOM   279 C CG2 . VAL A 1 36 ? 3.064   1.298   4.588   1.00 4.42  ? 36 VAL A CG2 1 
ATOM   280 N N   . LEU A 1 37 ? 2.147   1.995   1.608   1.00 8.46  ? 37 LEU A N   1 
ATOM   281 C CA  . LEU A 1 37 ? 2.376   1.410   0.295   1.00 8.46  ? 37 LEU A CA  1 
ATOM   282 C C   . LEU A 1 37 ? 2.168   2.535   -0.732  1.00 8.46  ? 37 LEU A C   1 
ATOM   283 O O   . LEU A 1 37 ? 3.020   2.708   -1.620  1.00 8.46  ? 37 LEU A O   1 
ATOM   284 C CB  . LEU A 1 37 ? 1.378   0.279   -0.035  1.00 4.24  ? 37 LEU A CB  1 
ATOM   285 C CG  . LEU A 1 37 ? 1.766   -0.928  -0.926  1.00 4.24  ? 37 LEU A CG  1 
ATOM   286 C CD1 . LEU A 1 37 ? 0.511   -1.628  -1.425  1.00 4.24  ? 37 LEU A CD1 1 
ATOM   287 C CD2 . LEU A 1 37 ? 2.558   -0.490  -2.123  1.00 4.24  ? 37 LEU A CD2 1 
ATOM   288 N N   . CYS A 1 38 ? 1.102   3.343   -0.650  1.00 8.98  ? 38 CYS A N   1 
ATOM   289 C CA  . CYS A 1 38 ? 0.888   4.420   -1.612  1.00 8.98  ? 38 CYS A CA  1 
ATOM   290 C C   . CYS A 1 38 ? 2.055   5.405   -1.647  1.00 8.98  ? 38 CYS A C   1 
ATOM   291 O O   . CYS A 1 38 ? 2.618   5.667   -2.716  1.00 8.98  ? 38 CYS A O   1 
ATOM   292 C CB  . CYS A 1 38 ? -0.413  5.087   -1.240  1.00 8.84  ? 38 CYS A CB  1 
ATOM   293 S SG  . CYS A 1 38 ? -0.835  6.552   -2.216  1.00 8.84  ? 38 CYS A SG  1 
ATOM   294 N N   . PHE A 1 39 ? 2.523   5.908   -0.510  1.00 6.27  ? 39 PHE A N   1 
ATOM   295 C CA  . PHE A 1 39 ? 3.701   6.762   -0.456  1.00 6.27  ? 39 PHE A CA  1 
ATOM   296 C C   . PHE A 1 39 ? 4.980   6.057   -0.903  1.00 6.27  ? 39 PHE A C   1 
ATOM   297 O O   . PHE A 1 39 ? 5.892   6.677   -1.442  1.00 6.27  ? 39 PHE A O   1 
ATOM   298 C CB  . PHE A 1 39 ? 3.884   7.276   0.965   1.00 10.76 ? 39 PHE A CB  1 
ATOM   299 C CG  . PHE A 1 39 ? 3.055   8.514   1.259   1.00 10.76 ? 39 PHE A CG  1 
ATOM   300 C CD1 . PHE A 1 39 ? 1.764   8.399   1.718   1.00 10.76 ? 39 PHE A CD1 1 
ATOM   301 C CD2 . PHE A 1 39 ? 3.620   9.758   1.077   1.00 10.76 ? 39 PHE A CD2 1 
ATOM   302 C CE1 . PHE A 1 39 ? 1.022   9.523   2.004   1.00 10.76 ? 39 PHE A CE1 1 
ATOM   303 C CE2 . PHE A 1 39 ? 2.871   10.881  1.361   1.00 10.76 ? 39 PHE A CE2 1 
ATOM   304 C CZ  . PHE A 1 39 ? 1.576   10.769  1.833   1.00 10.76 ? 39 PHE A CZ  1 
ATOM   305 N N   . GLU A 1 40 ? 5.077   4.746   -0.707  1.00 7.74  ? 40 GLU A N   1 
ATOM   306 C CA  . GLU A 1 40 ? 6.218   3.971   -1.155  1.00 7.74  ? 40 GLU A CA  1 
ATOM   307 C C   . GLU A 1 40 ? 6.224   3.967   -2.677  1.00 7.74  ? 40 GLU A C   1 
ATOM   308 O O   . GLU A 1 40 ? 7.254   4.216   -3.305  1.00 7.74  ? 40 GLU A O   1 
ATOM   309 C CB  . GLU A 1 40 ? 6.103   2.544   -0.594  1.00 17.51 ? 40 GLU A CB  1 
ATOM   310 C CG  . GLU A 1 40 ? 7.333   1.648   -0.691  1.00 17.51 ? 40 GLU A CG  1 
ATOM   311 C CD  . GLU A 1 40 ? 8.632   2.201   -0.104  1.00 17.51 ? 40 GLU A CD  1 
ATOM   312 O OE1 . GLU A 1 40 ? 8.646   2.949   0.882   1.00 17.51 ? 40 GLU A OE1 1 
ATOM   313 O OE2 . GLU A 1 40 ? 9.671   1.859   -0.646  1.00 17.51 ? 40 GLU A OE2 1 
ATOM   314 N N   . ASN A 1 41 ? 5.048   3.809   -3.272  1.00 11.16 ? 41 ASN A N   1 
ATOM   315 C CA  . ASN A 1 41 ? 4.922   3.829   -4.717  1.00 11.16 ? 41 ASN A CA  1 
ATOM   316 C C   . ASN A 1 41 ? 5.242   5.223   -5.193  1.00 11.16 ? 41 ASN A C   1 
ATOM   317 O O   . ASN A 1 41 ? 5.973   5.350   -6.168  1.00 11.16 ? 41 ASN A O   1 
ATOM   318 C CB  . ASN A 1 41 ? 3.518   3.449   -5.184  1.00 7.35  ? 41 ASN A CB  1 
ATOM   319 C CG  . ASN A 1 41 ? 3.233   1.951   -5.144  1.00 7.35  ? 41 ASN A CG  1 
ATOM   320 O OD1 . ASN A 1 41 ? 4.138   1.137   -5.325  1.00 7.35  ? 41 ASN A OD1 1 
ATOM   321 N ND2 . ASN A 1 41 ? 2.006   1.474   -4.931  1.00 7.35  ? 41 ASN A ND2 1 
ATOM   322 N N   . ARG A 1 42 ? 4.853   6.296   -4.507  1.00 12.73 ? 42 ARG A N   1 
ATOM   323 C CA  . ARG A 1 42 ? 5.200   7.648   -4.928  1.00 12.73 ? 42 ARG A CA  1 
ATOM   324 C C   . ARG A 1 42 ? 6.685   7.960   -4.896  1.00 12.73 ? 42 ARG A C   1 
ATOM   325 O O   . ARG A 1 42 ? 7.236   8.599   -5.802  1.00 12.73 ? 42 ARG A O   1 
ATOM   326 C CB  . ARG A 1 42 ? 4.522   8.671   -4.063  1.00 8.96  ? 42 ARG A CB  1 
ATOM   327 C CG  . ARG A 1 42 ? 3.013   8.703   -4.266  1.00 8.96  ? 42 ARG A CG  1 
ATOM   328 C CD  . ARG A 1 42 ? 2.470   9.827   -3.410  1.00 8.96  ? 42 ARG A CD  1 
ATOM   329 N NE  . ARG A 1 42 ? 1.048   10.022  -3.640  1.00 8.96  ? 42 ARG A NE  1 
ATOM   330 C CZ  . ARG A 1 42 ? 0.344   10.953  -2.976  1.00 8.96  ? 42 ARG A CZ  1 
ATOM   331 N NH1 . ARG A 1 42 ? 0.903   11.762  -2.069  1.00 8.96  ? 42 ARG A NH1 1 
ATOM   332 N NH2 . ARG A 1 42 ? -0.957  11.053  -3.206  1.00 8.96  ? 42 ARG A NH2 1 
ATOM   333 N N   . LYS A 1 43 ? 7.362   7.474   -3.860  1.00 20.99 ? 43 LYS A N   1 
ATOM   334 C CA  . LYS A 1 43 ? 8.778   7.765   -3.692  1.00 20.99 ? 43 LYS A CA  1 
ATOM   335 C C   . LYS A 1 43 ? 9.670   6.947   -4.593  1.00 20.99 ? 43 LYS A C   1 
ATOM   336 O O   . LYS A 1 43 ? 10.761  7.392   -4.931  1.00 20.99 ? 43 LYS A O   1 
ATOM   337 C CB  . LYS A 1 43 ? 9.201   7.520   -2.252  1.00 38.77 ? 43 LYS A CB  1 
ATOM   338 C CG  . LYS A 1 43 ? 8.576   8.508   -1.278  1.00 38.77 ? 43 LYS A CG  1 
ATOM   339 C CD  . LYS A 1 43 ? 8.687   7.876   0.097   1.00 38.77 ? 43 LYS A CD  1 
ATOM   340 C CE  . LYS A 1 43 ? 7.977   8.671   1.188   1.00 38.77 ? 43 LYS A CE  1 
ATOM   341 N NZ  . LYS A 1 43 ? 7.973   7.890   2.414   1.00 38.77 ? 43 LYS A NZ  1 
ATOM   342 N N   . ARG A 1 44 ? 9.250   5.750   -4.985  1.00 20.37 ? 44 ARG A N   1 
ATOM   343 C CA  . ARG A 1 44 ? 10.065  4.927   -5.857  1.00 20.37 ? 44 ARG A CA  1 
ATOM   344 C C   . ARG A 1 44 ? 9.564   4.801   -7.277  1.00 20.37 ? 44 ARG A C   1 
ATOM   345 O O   . ARG A 1 44 ? 10.275  4.254   -8.116  1.00 20.37 ? 44 ARG A O   1 
ATOM   346 C CB  . ARG A 1 44 ? 10.191  3.517   -5.309  1.00 38.41 ? 44 ARG A CB  1 
ATOM   347 C CG  . ARG A 1 44 ? 11.123  3.332   -4.129  1.00 38.41 ? 44 ARG A CG  1 
ATOM   348 C CD  . ARG A 1 44 ? 11.294  1.842   -3.903  1.00 38.41 ? 44 ARG A CD  1 
ATOM   349 N NE  . ARG A 1 44 ? 10.030  1.240   -3.498  1.00 38.41 ? 44 ARG A NE  1 
ATOM   350 C CZ  . ARG A 1 44 ? 9.762   -0.062  -3.646  1.00 38.41 ? 44 ARG A CZ  1 
ATOM   351 N NH1 . ARG A 1 44 ? 10.645  -0.911  -4.192  1.00 38.41 ? 44 ARG A NH1 1 
ATOM   352 N NH2 . ARG A 1 44 ? 8.594   -0.521  -3.199  1.00 38.41 ? 44 ARG A NH2 1 
ATOM   353 N N   . GLN A 1 45 ? 8.352   5.262   -7.575  1.00 17.63 ? 45 GLN A N   1 
ATOM   354 C CA  . GLN A 1 45 ? 7.713   5.147   -8.877  1.00 17.63 ? 45 GLN A CA  1 
ATOM   355 C C   . GLN A 1 45 ? 7.555   3.694   -9.310  1.00 17.63 ? 45 GLN A C   1 
ATOM   356 O O   . GLN A 1 45 ? 7.852   3.273   -10.459 1.00 17.63 ? 45 GLN A O   1 
ATOM   357 C CB  . GLN A 1 45 ? 8.501   5.926   -9.949  1.00 22.88 ? 45 GLN A CB  1 
ATOM   358 C CG  . GLN A 1 45 ? 8.476   7.434   -9.724  1.00 22.88 ? 45 GLN A CG  1 
ATOM   359 C CD  . GLN A 1 45 ? 7.072   7.998   -9.626  1.00 22.88 ? 45 GLN A CD  1 
ATOM   360 O OE1 . GLN A 1 45 ? 6.266   7.885   -10.544 1.00 22.88 ? 45 GLN A OE1 1 
ATOM   361 N NE2 . GLN A 1 45 ? 6.694   8.611   -8.526  1.00 22.88 ? 45 GLN A NE2 1 
ATOM   362 N N   . THR A 1 46 ? 7.031   2.953   -8.329  1.00 13.67 ? 46 THR A N   1 
ATOM   363 C CA  . THR A 1 46 ? 6.723   1.555   -8.502  1.00 13.67 ? 46 THR A CA  1 
ATOM   364 C C   . THR A 1 46 ? 5.202   1.458   -8.598  1.00 13.67 ? 46 THR A C   1 
ATOM   365 O O   . THR A 1 46 ? 4.494   2.465   -8.512  1.00 13.67 ? 46 THR A O   1 
ATOM   366 C CB  . THR A 1 46 ? 7.296   0.743   -7.302  1.00 13.40 ? 46 THR A CB  1 
ATOM   367 O OG1 . THR A 1 46 ? 7.055   1.458   -6.099  1.00 13.40 ? 46 THR A OG1 1 
ATOM   368 C CG2 . THR A 1 46 ? 8.796   0.522   -7.451  1.00 13.40 ? 46 THR A CG2 1 
ATOM   369 N N   . SER A 1 47 ? 4.635   0.278   -8.832  1.00 14.07 ? 47 SER A N   1 
ATOM   370 C CA  . SER A 1 47 ? 3.196   0.141   -8.952  1.00 14.07 ? 47 SER A CA  1 
ATOM   371 C C   . SER A 1 47 ? 2.787   -1.165  -8.307  1.00 14.07 ? 47 SER A C   1 
ATOM   372 O O   . SER A 1 47 ? 2.173   -2.036  -8.914  1.00 14.07 ? 47 SER A O   1 
ATOM   373 C CB  . SER A 1 47 ? 2.802   0.198   -10.460 1.00 22.81 ? 47 SER A CB  1 
ATOM   374 O OG  . SER A 1 47 ? 3.576   -0.608  -11.368 1.00 22.81 ? 47 SER A OG  1 
ATOM   375 N N   . ILE A 1 48 ? 3.201   -1.318  -7.061  1.00 9.08  ? 48 ILE A N   1 
ATOM   376 C CA  . ILE A 1 48 ? 2.833   -2.466  -6.249  1.00 9.08  ? 48 ILE A CA  1 
ATOM   377 C C   . ILE A 1 48 ? 1.339   -2.252  -5.981  1.00 9.08  ? 48 ILE A C   1 
ATOM   378 O O   . ILE A 1 48 ? 0.916   -1.150  -5.581  1.00 9.08  ? 48 ILE A O   1 
ATOM   379 C CB  . ILE A 1 48 ? 3.573   -2.476  -4.886  1.00 7.83  ? 48 ILE A CB  1 
ATOM   380 C CG1 . ILE A 1 48 ? 5.082   -2.199  -4.949  1.00 7.83  ? 48 ILE A CG1 1 
ATOM   381 C CG2 . ILE A 1 48 ? 3.273   -3.826  -4.294  1.00 7.83  ? 48 ILE A CG2 1 
ATOM   382 C CD1 . ILE A 1 48 ? 5.994   -3.152  -5.724  1.00 7.83  ? 48 ILE A CD1 1 
ATOM   383 N N   . LEU A 1 49 ? 0.502   -3.247  -6.217  1.00 7.23  ? 49 LEU A N   1 
ATOM   384 C CA  . LEU A 1 49 ? -0.914  -3.097  -5.938  1.00 7.23  ? 49 LEU A CA  1 
ATOM   385 C C   . LEU A 1 49 ? -1.210  -3.861  -4.649  1.00 7.23  ? 49 LEU A C   1 
ATOM   386 O O   . LEU A 1 49 ? -0.308  -4.461  -4.051  1.00 7.23  ? 49 LEU A O   1 
ATOM   387 C CB  . LEU A 1 49 ? -1.734  -3.665  -7.119  1.00 3.46  ? 49 LEU A CB  1 
ATOM   388 C CG  . LEU A 1 49 ? -1.562  -3.128  -8.550  1.00 3.46  ? 49 LEU A CG  1 
ATOM   389 C CD1 . LEU A 1 49 ? -2.435  -3.938  -9.479  1.00 3.46  ? 49 LEU A CD1 1 
ATOM   390 C CD2 . LEU A 1 49 ? -1.975  -1.679  -8.639  1.00 3.46  ? 49 LEU A CD2 1 
ATOM   391 N N   . ILE A 1 50 ? -2.458  -3.859  -4.194  1.00 8.97  ? 50 ILE A N   1 
ATOM   392 C CA  . ILE A 1 50 ? -2.871  -4.615  -3.032  1.00 8.97  ? 50 ILE A CA  1 
ATOM   393 C C   . ILE A 1 50 ? -3.499  -5.866  -3.595  1.00 8.97  ? 50 ILE A C   1 
ATOM   394 O O   . ILE A 1 50 ? -4.422  -5.769  -4.407  1.00 8.97  ? 50 ILE A O   1 
ATOM   395 C CB  . ILE A 1 50 ? -3.894  -3.824  -2.211  1.00 8.44  ? 50 ILE A CB  1 
ATOM   396 C CG1 . ILE A 1 50 ? -3.183  -2.622  -1.634  1.00 8.44  ? 50 ILE A CG1 1 
ATOM   397 C CG2 . ILE A 1 50 ? -4.485  -4.660  -1.087  1.00 8.44  ? 50 ILE A CG2 1 
ATOM   398 C CD1 . ILE A 1 50 ? -4.144  -1.598  -1.026  1.00 8.44  ? 50 ILE A CD1 1 
ATOM   399 N N   . GLN A 1 51 ? -2.960  -7.024  -3.199  1.00 17.38 ? 51 GLN A N   1 
ATOM   400 C CA  . GLN A 1 51 ? -3.487  -8.328  -3.578  1.00 17.38 ? 51 GLN A CA  1 
ATOM   401 C C   . GLN A 1 51 ? -4.787  -8.582  -2.842  1.00 17.38 ? 51 GLN A C   1 
ATOM   402 O O   . GLN A 1 51 ? -5.776  -9.099  -3.368  1.00 17.38 ? 51 GLN A O   1 
ATOM   403 C CB  . GLN A 1 51 ? -2.590  -9.487  -3.188  1.00 32.25 ? 51 GLN A CB  1 
ATOM   404 C CG  . GLN A 1 51 ? -1.360  -9.737  -4.013  1.00 32.25 ? 51 GLN A CG  1 
ATOM   405 C CD  . GLN A 1 51 ? -0.718  -11.096 -3.737  1.00 32.25 ? 51 GLN A CD  1 
ATOM   406 O OE1 . GLN A 1 51 ? -1.292  -12.128 -4.087  1.00 32.25 ? 51 GLN A OE1 1 
ATOM   407 N NE2 . GLN A 1 51 ? 0.454   -11.169 -3.099  1.00 32.25 ? 51 GLN A NE2 1 
ATOM   408 N N   . LYS A 1 52 ? -4.703  -8.272  -1.549  1.00 17.78 ? 52 LYS A N   1 
ATOM   409 C CA  . LYS A 1 52 ? -5.780  -8.485  -0.608  1.00 17.78 ? 52 LYS A CA  1 
ATOM   410 C C   . LYS A 1 52 ? -5.419  -7.816  0.720   1.00 17.78 ? 52 LYS A C   1 
ATOM   411 O O   . LYS A 1 52 ? -4.296  -7.324  0.903   1.00 17.78 ? 52 LYS A O   1 
ATOM   412 C CB  . LYS A 1 52 ? -5.981  -9.975  -0.386  1.00 20.62 ? 52 LYS A CB  1 
ATOM   413 C CG  . LYS A 1 52 ? -4.729  -10.659 0.110   1.00 20.62 ? 52 LYS A CG  1 
ATOM   414 C CD  . LYS A 1 52 ? -5.126  -12.061 0.441   1.00 20.62 ? 52 LYS A CD  1 
ATOM   415 C CE  . LYS A 1 52 ? -4.418  -12.459 1.712   1.00 20.62 ? 52 LYS A CE  1 
ATOM   416 N NZ  . LYS A 1 52 ? -2.981  -12.408 1.530   1.00 20.62 ? 52 LYS A NZ  1 
ATOM   417 N N   . SER A 1 53 ? -6.367  -7.788  1.648   1.00 22.49 ? 53 SER A N   1 
ATOM   418 C CA  . SER A 1 53 ? -6.135  -7.239  2.964   1.00 22.49 ? 53 SER A CA  1 
ATOM   419 C C   . SER A 1 53 ? -5.624  -8.354  3.838   1.00 22.49 ? 53 SER A C   1 
ATOM   420 O O   . SER A 1 53 ? -5.851  -9.548  3.580   1.00 22.49 ? 53 SER A O   1 
ATOM   421 C CB  . SER A 1 53 ? -7.408  -6.713  3.582   1.00 25.19 ? 53 SER A CB  1 
ATOM   422 O OG  . SER A 1 53 ? -7.965  -5.669  2.794   1.00 25.19 ? 53 SER A OG  1 
ATOM   423 N N   . GLY A 1 54 ? -5.018  -7.909  4.930   1.00 16.77 ? 54 GLY A N   1 
ATOM   424 C CA  . GLY A 1 54 ? -4.427  -8.826  5.860   1.00 16.77 ? 54 GLY A CA  1 
ATOM   425 C C   . GLY A 1 54 ? -2.965  -8.890  5.520   1.00 16.77 ? 54 GLY A C   1 
ATOM   426 O O   . GLY A 1 54 ? -2.549  -8.442  4.448   1.00 16.77 ? 54 GLY A O   1 
ATOM   427 N N   . PRO A 1 55 ? -2.120  -9.390  6.415   1.00 18.38 ? 55 PRO A N   1 
ATOM   428 C CA  . PRO A 1 55 ? -0.745  -9.743  6.095   1.00 18.38 ? 55 PRO A CA  1 
ATOM   429 C C   . PRO A 1 55 ? -0.709  -10.743 4.947   1.00 18.38 ? 55 PRO A C   1 
ATOM   430 O O   . PRO A 1 55 ? -1.727  -11.380 4.623   1.00 18.38 ? 55 PRO A O   1 
ATOM   431 C CB  . PRO A 1 55 ? -0.177  -10.316 7.390   1.00 17.64 ? 55 PRO A CB  1 
ATOM   432 C CG  . PRO A 1 55 ? -1.088  -9.737  8.457   1.00 17.64 ? 55 PRO A CG  1 
ATOM   433 C CD  . PRO A 1 55 ? -2.443  -9.819  7.774   1.00 17.64 ? 55 PRO A CD  1 
ATOM   434 N N   . CYS A 1 56 ? 0.484   -10.837 4.353   1.00 29.45 ? 56 CYS A N   1 
ATOM   435 C CA  . CYS A 1 56 ? 0.720   -11.841 3.338   1.00 29.45 ? 56 CYS A CA  1 
ATOM   436 C C   . CYS A 1 56 ? 1.024   -13.058 4.224   1.00 29.45 ? 56 CYS A C   1 
ATOM   437 O O   . CYS A 1 56 ? 0.241   -14.003 4.177   1.00 29.45 ? 56 CYS A O   1 
ATOM   438 C CB  . CYS A 1 56 ? 1.950   -11.542 2.476   1.00 30.03 ? 56 CYS A CB  1 
ATOM   439 S SG  . CYS A 1 56 ? 1.926   -10.057 1.438   1.00 30.03 ? 56 CYS A SG  1 
ATOM   440 O OXT . CYS A 1 56 ? 1.991   -13.024 5.007   1.00 30.03 ? 56 CYS A OXT 1 
HETATM 441 O O   . HOH B 2 .  ? -1.052  0.823   -6.033  1.00 4.28  ? 60 HOH A O   1 
HETATM 442 O O   . HOH B 2 .  ? -0.281  3.146   -5.010  1.00 12.36 ? 61 HOH A O   1 
HETATM 443 O O   . HOH B 2 .  ? 1.067   5.785   -5.018  1.00 10.06 ? 62 HOH A O   1 
HETATM 444 O O   . HOH B 2 .  ? -8.398  -3.795  1.063   1.00 45.74 ? 64 HOH A O   1 
HETATM 445 O O   . HOH B 2 .  ? -3.688  -0.081  -11.618 1.00 25.59 ? 65 HOH A O   1 
HETATM 446 O O   . HOH B 2 .  ? -4.745  9.312   -3.347  1.00 24.58 ? 66 HOH A O   1 
HETATM 447 O O   . HOH B 2 .  ? -6.818  8.964   -1.729  1.00 26.10 ? 67 HOH A O   1 
HETATM 448 O O   . HOH B 2 .  ? -6.107  10.023  8.562   1.00 48.22 ? 68 HOH A O   1 
HETATM 449 O O   . HOH B 2 .  ? -4.540  12.221  10.406  1.00 45.65 ? 69 HOH A O   1 
HETATM 450 O O   . HOH B 2 .  ? -0.231  11.253  11.216  1.00 36.65 ? 70 HOH A O   1 
HETATM 451 O O   . HOH B 2 .  ? -5.320  6.184   10.199  1.00 27.46 ? 71 HOH A O   1 
HETATM 452 O O   . HOH B 2 .  ? 4.004   14.424  8.916   1.00 50.74 ? 72 HOH A O   1 
HETATM 453 O O   . HOH B 2 .  ? -0.212  1.431   16.023  1.00 3.26  ? 73 HOH A O   1 
HETATM 454 O O   . HOH B 2 .  ? 1.176   3.764   17.043  1.00 5.15  ? 74 HOH A O   1 
HETATM 455 O O   . HOH B 2 .  ? -3.301  0.613   15.278  1.00 27.85 ? 75 HOH A O   1 
HETATM 456 O O   . HOH B 2 .  ? -8.477  -4.294  9.880   1.00 35.61 ? 76 HOH A O   1 
HETATM 457 O O   . HOH B 2 .  ? 9.335   -9.213  -3.822  1.00 42.90 ? 77 HOH A O   1 
HETATM 458 O O   . HOH B 2 .  ? 5.884   -13.829 3.706   1.00 63.63 ? 78 HOH A O   1 
HETATM 459 O O   . HOH B 2 .  ? 6.355   4.466   2.773   1.00 17.70 ? 80 HOH A O   1 
HETATM 460 O O   . HOH B 2 .  ? -7.382  -9.127  -9.479  1.00 45.76 ? 81 HOH A O   1 
HETATM 461 O O   . HOH B 2 .  ? -10.314 -8.156  -7.885  1.00 40.51 ? 82 HOH A O   1 
HETATM 462 O O   . HOH B 2 .  ? -12.017 -8.317  -4.678  1.00 78.44 ? 83 HOH A O   1 
HETATM 463 O O   . HOH B 2 .  ? -7.704  -6.577  -3.311  1.00 40.90 ? 84 HOH A O   1 
HETATM 464 O O   . HOH B 2 .  ? -2.735  6.196   -5.303  1.00 12.89 ? 85 HOH A O   1 
HETATM 465 O O   . HOH B 2 .  ? -5.397  -7.497  9.260   1.00 35.24 ? 86 HOH A O   1 
HETATM 466 O O   . HOH B 2 .  ? 13.438  -11.102 0.416   1.00 52.26 ? 87 HOH A O   1 
HETATM 467 O O   . HOH B 2 .  ? 14.903  -0.616  -7.884  1.00 38.87 ? 88 HOH A O   1 
HETATM 468 O O   . HOH B 2 .  ? -7.974  0.042   -8.660  1.00 56.92 ? 89 HOH A O   1 
HETATM 469 O O   . HOH B 2 .  ? -1.875  -14.512 3.137   1.00 56.07 ? 90 HOH A O   1 
HETATM 470 O O   . HOH B 2 .  ? 4.807   -15.710 7.245   1.00 66.31 ? 91 HOH A O   1 
HETATM 471 O O   . HOH B 2 .  ? 0.270   -13.768 9.869   1.00 60.80 ? 97 HOH A O   1 
# 
